data_9JRT
#
_entry.id   9JRT
#
_cell.length_a   1.00
_cell.length_b   1.00
_cell.length_c   1.00
_cell.angle_alpha   90.00
_cell.angle_beta   90.00
_cell.angle_gamma   90.00
#
_symmetry.space_group_name_H-M   'P 1'
#
loop_
_entity.id
_entity.type
_entity.pdbx_description
1 polymer 'GFP-like fluorescent chromoprotein,Prostaglandin E2 receptor EP2 subtype,Soluble cytochrome b562,Prostaglandin E2 receptor EP2 subtype,Soluble cytochrome b562'
2 polymer 'Heavy chain of Fab fragment'
3 polymer Nb
4 polymer 'Light chain of Fab fragment'
5 non-polymer ~{N}-[[4-[(5-ethyl-1,3,4-thiadiazol-2-yl)sulfamoyl]phenyl]carbamothioyl]-3-(4-fluorophenyl)propanamide
#
loop_
_entity_poly.entity_id
_entity_poly.type
_entity_poly.pdbx_seq_one_letter_code
_entity_poly.pdbx_strand_id
1 'polypeptide(L)'
;DYKDDDDAKHHHHHHHHHASVIKPEMKIKLRMEGAVNGHKFVIEGEGIGKPYEGTQTLDLTVEEGAPLPFSYDILTPAFQ
YGNRAFTKYPEDIPDYFKQAFPEGYSWERSMTYEDQGICIATSDITMEGDCFFYEIRFDGTNFPPNGPVMQKKTLKWEPS
TEKMYVEDGVLKGDVEMALLLEGGGHYRCDFKTTYKAKKDVRLPDAHEVDHRIEILSHDKDYNKVRLYEHAEARYSGGGS
GGGGSAMGNASNDSQSEDCETRQWLPPGESPAISSVMFSAGVLGNLIALALLARRWRGDVGCSAGRRSSLSLFHVLVTEL
VFTDLLGTCLISPVVLASYARNQTLVALAPESRACTYFAFAMTFFSLATMLMLFAMALERYLSIGHPYFYQRRVSRSGGL
AVLPVIYAVSLLFCSLPLLDYGQYVQYCPGTWCFIRHGRTAYLQLYATLLLLLIVSVLACNFSVILNLIRARRQLADLED
NWETLNDNLKVIEKADNAAQVKDALTKMRAAALDAQKGGSGGRSPEMKDFRHGFDILVGQIDDALKLANEGKVKEAQAAA
EQLKTTRNAYIQKYLERARSTLAEETDHLILLAIMTITFAVCSLPFTIFAYMNETSSRKEKWDLQALRFLSINSIIDPWV
FAILRPPVLRLMRSVLCCRISLRTQDATQTSCSTQSDASKQADL
;
A
2 'polypeptide(L)'
;MEVQLVESGGGLVQPGGSLRLSCAASGFNVRSFSIHWVRQAPGKGLEWVAYISSSSGSTSYADSVKGRFTISADTSKNTA
YLQMNSLRAEDTAVYYCARWGYWPGEPWWKAFDYWGQGTLVTVSSASTKGPSVFPLAPSSKSTSGGTAALGCLVKDYFPE
PVTVSWNSGALTSGVHTFPAVLQSSGLYSLSSVVTVPSSSLGTQTYICNVNHKPSNTKVDKKVEPKS
;
H
3 'polypeptide(L)'
;GSQVQLQESGGGLVQPGGSLRLSCAASGRTISRYAMSWFRQAPGKEREFVAVARRSGDGAFYADSVQGRFTVSRDDAKTV
YLQMNSLKPEDTAVYYCAIDSDTFYSGSYDYWGQGTQVTVSS
;
N
4 'polypeptide(L)'
;MDIQMTQSPSSLSASVGDRVTITCRASQSVSSAVAWYQQKPGKAPKLLIYSASSLYSGVPSRFSGSRSGTDFTLTISSLQ
PEDFATYYCQQYLYYSLVTFGQGTKVEIKRTVAAPSVFIFPPSDSQLKSGTASVVCLLNNFYPREAKVQWKVDNALQSGN
SQESVTEQDSKDSTYSLSSTLTLSKADYEKHKVYACEVTHQGLSSPVTKSFNRG
;
L
#
# COMPACT_ATOMS: atom_id res chain seq x y z
N GLU A 260 -57.99 -34.21 7.96
CA GLU A 260 -57.26 -35.46 7.74
C GLU A 260 -57.06 -36.22 9.04
N THR A 261 -57.86 -37.25 9.25
CA THR A 261 -57.77 -38.11 10.44
C THR A 261 -57.41 -39.51 9.98
N ARG A 262 -56.16 -39.92 10.26
CA ARG A 262 -55.68 -41.25 9.87
C ARG A 262 -55.76 -42.19 11.07
N GLN A 263 -56.96 -42.75 11.25
CA GLN A 263 -57.19 -43.63 12.40
C GLN A 263 -56.54 -44.99 12.19
N TRP A 264 -56.57 -45.50 10.95
CA TRP A 264 -56.07 -46.84 10.69
C TRP A 264 -54.57 -46.93 10.93
N LEU A 265 -54.16 -48.01 11.57
CA LEU A 265 -52.77 -48.28 11.90
C LEU A 265 -52.56 -49.79 11.91
N PRO A 266 -51.45 -50.28 11.36
CA PRO A 266 -51.18 -51.71 11.38
C PRO A 266 -51.06 -52.23 12.80
N PRO A 267 -51.62 -53.41 13.08
CA PRO A 267 -51.58 -53.93 14.45
C PRO A 267 -50.16 -54.22 14.95
N GLY A 268 -49.24 -54.54 14.04
CA GLY A 268 -47.87 -54.85 14.44
C GLY A 268 -47.03 -53.62 14.74
N GLU A 269 -47.59 -52.68 15.48
CA GLU A 269 -46.86 -51.47 15.86
C GLU A 269 -46.24 -51.67 17.25
N SER A 270 -44.92 -51.53 17.34
CA SER A 270 -44.20 -51.70 18.58
C SER A 270 -43.61 -50.37 19.02
N PRO A 271 -43.70 -50.01 20.31
CA PRO A 271 -43.14 -48.75 20.81
C PRO A 271 -41.62 -48.79 21.00
N ALA A 272 -40.91 -49.27 19.98
CA ALA A 272 -39.46 -49.38 20.07
C ALA A 272 -38.79 -48.03 19.85
N ILE A 273 -39.19 -47.33 18.79
CA ILE A 273 -38.53 -46.06 18.43
C ILE A 273 -38.87 -44.98 19.44
N SER A 274 -40.13 -44.92 19.87
CA SER A 274 -40.56 -43.87 20.79
C SER A 274 -39.88 -44.01 22.15
N SER A 275 -39.82 -45.23 22.68
CA SER A 275 -39.27 -45.43 24.02
C SER A 275 -37.79 -45.08 24.06
N VAL A 276 -37.01 -45.57 23.10
CA VAL A 276 -35.57 -45.30 23.10
C VAL A 276 -35.31 -43.82 22.86
N MET A 277 -36.13 -43.18 22.03
CA MET A 277 -35.95 -41.74 21.79
C MET A 277 -36.22 -40.95 23.06
N PHE A 278 -37.32 -41.24 23.76
CA PHE A 278 -37.62 -40.53 25.00
C PHE A 278 -36.55 -40.78 26.06
N SER A 279 -36.08 -42.04 26.16
CA SER A 279 -35.06 -42.36 27.15
C SER A 279 -33.76 -41.63 26.86
N ALA A 280 -33.31 -41.65 25.59
CA ALA A 280 -32.09 -40.95 25.23
C ALA A 280 -32.22 -39.45 25.46
N GLY A 281 -33.38 -38.88 25.13
CA GLY A 281 -33.58 -37.46 25.34
C GLY A 281 -33.51 -37.08 26.80
N VAL A 282 -34.25 -37.79 27.66
CA VAL A 282 -34.26 -37.45 29.08
C VAL A 282 -32.90 -37.70 29.70
N LEU A 283 -32.21 -38.76 29.27
CA LEU A 283 -30.89 -39.05 29.82
C LEU A 283 -29.89 -37.98 29.42
N GLY A 284 -29.90 -37.56 28.15
CA GLY A 284 -29.02 -36.48 27.72
C GLY A 284 -29.30 -35.18 28.43
N ASN A 285 -30.59 -34.85 28.61
CA ASN A 285 -30.95 -33.63 29.33
C ASN A 285 -30.45 -33.68 30.78
N LEU A 286 -30.67 -34.79 31.47
CA LEU A 286 -30.22 -34.91 32.85
C LEU A 286 -28.70 -34.85 32.96
N ILE A 287 -28.00 -35.52 32.04
CA ILE A 287 -26.54 -35.50 32.07
C ILE A 287 -26.02 -34.10 31.80
N ALA A 288 -26.63 -33.39 30.84
CA ALA A 288 -26.21 -32.03 30.54
C ALA A 288 -26.45 -31.11 31.73
N LEU A 289 -27.60 -31.23 32.38
CA LEU A 289 -27.87 -30.41 33.55
C LEU A 289 -26.89 -30.71 34.68
N ALA A 290 -26.58 -31.99 34.89
CA ALA A 290 -25.65 -32.35 35.96
C ALA A 290 -24.24 -31.84 35.68
N LEU A 291 -23.81 -31.92 34.41
CA LEU A 291 -22.47 -31.47 34.08
C LEU A 291 -22.37 -29.95 34.08
N LEU A 292 -23.45 -29.26 33.73
CA LEU A 292 -23.45 -27.80 33.79
C LEU A 292 -23.54 -27.31 35.23
N ALA A 293 -24.17 -28.11 36.10
CA ALA A 293 -24.25 -27.73 37.52
C ALA A 293 -22.87 -27.72 38.17
N ARG A 294 -21.91 -28.43 37.60
CA ARG A 294 -20.56 -28.41 38.13
C ARG A 294 -19.95 -27.02 38.04
N ARG A 295 -20.24 -26.29 36.96
CA ARG A 295 -19.73 -24.93 36.81
C ARG A 295 -20.46 -23.97 37.75
N TRP A 296 -21.75 -24.22 37.98
CA TRP A 296 -22.52 -23.37 38.88
C TRP A 296 -22.04 -23.54 40.31
N ARG A 297 -21.49 -22.45 40.87
CA ARG A 297 -20.99 -22.46 42.24
C ARG A 297 -21.33 -21.16 42.95
N LEU A 310 -18.90 -21.22 35.06
CA LEU A 310 -20.11 -20.50 34.67
C LEU A 310 -19.78 -19.20 33.95
N SER A 311 -20.32 -19.03 32.76
CA SER A 311 -20.09 -17.84 31.95
C SER A 311 -21.40 -17.43 31.28
N LEU A 312 -21.33 -16.32 30.54
CA LEU A 312 -22.52 -15.83 29.84
C LEU A 312 -22.93 -16.78 28.72
N PHE A 313 -21.96 -17.48 28.12
CA PHE A 313 -22.28 -18.46 27.09
C PHE A 313 -22.78 -19.76 27.70
N HIS A 314 -22.24 -20.13 28.86
CA HIS A 314 -22.64 -21.39 29.48
C HIS A 314 -24.04 -21.32 30.05
N VAL A 315 -24.45 -20.15 30.56
CA VAL A 315 -25.78 -20.01 31.14
C VAL A 315 -26.84 -20.12 30.05
N LEU A 316 -26.48 -19.79 28.81
CA LEU A 316 -27.42 -19.96 27.70
C LEU A 316 -27.58 -21.43 27.32
N VAL A 317 -26.52 -22.21 27.49
CA VAL A 317 -26.60 -23.65 27.22
C VAL A 317 -27.49 -24.33 28.24
N THR A 318 -27.50 -23.81 29.48
CA THR A 318 -28.36 -24.38 30.52
C THR A 318 -29.83 -24.25 30.15
N GLU A 319 -30.21 -23.12 29.53
CA GLU A 319 -31.60 -22.94 29.13
C GLU A 319 -31.93 -23.71 27.86
N LEU A 320 -30.92 -24.00 27.04
CA LEU A 320 -31.16 -24.77 25.81
C LEU A 320 -31.51 -26.21 26.12
N VAL A 321 -30.78 -26.84 27.03
CA VAL A 321 -31.10 -28.21 27.43
C VAL A 321 -32.34 -28.23 28.32
N PHE A 322 -32.61 -27.12 29.02
CA PHE A 322 -33.82 -27.05 29.84
C PHE A 322 -35.07 -26.96 28.96
N THR A 323 -34.98 -26.26 27.84
CA THR A 323 -36.12 -26.20 26.92
C THR A 323 -36.38 -27.55 26.28
N ASP A 324 -35.30 -28.27 25.94
CA ASP A 324 -35.47 -29.62 25.39
C ASP A 324 -36.04 -30.58 26.41
N LEU A 325 -35.64 -30.43 27.68
CA LEU A 325 -36.16 -31.30 28.73
C LEU A 325 -37.61 -30.98 29.03
N LEU A 326 -37.97 -29.70 29.09
CA LEU A 326 -39.35 -29.32 29.36
C LEU A 326 -40.27 -29.77 28.23
N GLY A 327 -39.82 -29.65 26.98
CA GLY A 327 -40.64 -30.08 25.86
C GLY A 327 -40.79 -31.58 25.80
N THR A 328 -39.71 -32.31 26.09
CA THR A 328 -39.75 -33.77 26.03
C THR A 328 -40.72 -34.35 27.05
N CYS A 329 -40.81 -33.72 28.22
CA CYS A 329 -41.72 -34.22 29.25
C CYS A 329 -43.18 -33.93 28.92
N LEU A 330 -43.44 -33.08 27.93
CA LEU A 330 -44.82 -32.75 27.60
C LEU A 330 -45.24 -33.36 26.28
N ILE A 331 -44.32 -33.42 25.31
CA ILE A 331 -44.67 -33.88 23.97
C ILE A 331 -44.65 -35.41 23.90
N SER A 332 -43.60 -36.03 24.43
CA SER A 332 -43.38 -37.46 24.30
C SER A 332 -44.40 -38.31 25.06
N PRO A 333 -44.69 -38.03 26.36
CA PRO A 333 -45.59 -38.92 27.11
C PRO A 333 -47.00 -39.01 26.53
N VAL A 334 -47.37 -38.08 25.65
CA VAL A 334 -48.70 -38.11 25.05
C VAL A 334 -48.86 -39.34 24.16
N VAL A 335 -47.83 -39.65 23.37
CA VAL A 335 -47.93 -40.76 22.43
C VAL A 335 -47.54 -42.07 23.12
N LEU A 336 -46.84 -41.97 24.26
CA LEU A 336 -46.37 -43.18 24.93
C LEU A 336 -47.51 -43.92 25.61
N ALA A 337 -48.39 -43.20 26.30
CA ALA A 337 -49.48 -43.86 27.01
C ALA A 337 -50.56 -44.33 26.05
N SER A 338 -50.67 -43.69 24.88
CA SER A 338 -51.71 -44.01 23.91
C SER A 338 -51.34 -45.17 22.99
N TYR A 339 -50.28 -45.91 23.31
CA TYR A 339 -49.88 -47.03 22.47
C TYR A 339 -50.65 -48.32 22.78
N ALA A 340 -51.56 -48.27 23.75
CA ALA A 340 -52.29 -49.48 24.12
C ALA A 340 -53.28 -49.88 23.03
N ARG A 341 -54.06 -48.93 22.53
CA ARG A 341 -55.05 -49.24 21.51
C ARG A 341 -54.42 -49.27 20.12
N ASN A 342 -55.12 -49.87 19.17
CA ASN A 342 -54.66 -49.86 17.79
C ASN A 342 -54.61 -48.44 17.23
N GLN A 343 -55.69 -47.69 17.40
CA GLN A 343 -55.72 -46.27 17.06
C GLN A 343 -55.02 -45.51 18.18
N THR A 344 -53.88 -44.89 17.88
CA THR A 344 -53.10 -44.22 18.91
C THR A 344 -53.88 -43.09 19.57
N LEU A 345 -54.24 -42.07 18.80
CA LEU A 345 -55.00 -40.95 19.35
C LEU A 345 -55.91 -40.32 18.31
N VAL A 346 -57.19 -40.72 18.30
CA VAL A 346 -58.16 -40.03 17.47
C VAL A 346 -58.79 -38.88 18.23
N ALA A 347 -59.46 -39.19 19.35
CA ALA A 347 -60.00 -38.16 20.23
C ALA A 347 -59.95 -38.71 21.66
N LEU A 348 -58.87 -38.36 22.38
CA LEU A 348 -58.74 -38.81 23.76
C LEU A 348 -59.62 -37.99 24.70
N ALA A 349 -59.69 -36.68 24.46
CA ALA A 349 -60.51 -35.77 25.23
C ALA A 349 -61.46 -35.01 24.31
N PRO A 350 -62.60 -34.57 24.82
CA PRO A 350 -63.56 -33.84 23.97
C PRO A 350 -62.96 -32.55 23.42
N GLU A 351 -63.59 -32.06 22.34
CA GLU A 351 -63.18 -30.84 21.65
C GLU A 351 -61.76 -30.95 21.10
N SER A 352 -61.33 -32.18 20.82
CA SER A 352 -60.01 -32.47 20.27
C SER A 352 -58.90 -31.86 21.13
N ARG A 353 -59.02 -32.07 22.45
CA ARG A 353 -58.04 -31.52 23.38
C ARG A 353 -56.74 -32.30 23.32
N ALA A 354 -56.78 -33.54 22.85
CA ALA A 354 -55.59 -34.37 22.78
C ALA A 354 -54.55 -33.76 21.84
N CYS A 355 -54.97 -33.46 20.61
CA CYS A 355 -54.05 -32.84 19.65
C CYS A 355 -53.80 -31.38 19.99
N THR A 356 -54.81 -30.69 20.54
CA THR A 356 -54.65 -29.29 20.90
C THR A 356 -53.51 -29.09 21.89
N TYR A 357 -53.25 -30.07 22.74
CA TYR A 357 -52.12 -30.06 23.65
C TYR A 357 -50.83 -30.55 23.01
N PHE A 358 -50.94 -31.50 22.06
CA PHE A 358 -49.76 -32.03 21.41
C PHE A 358 -49.21 -31.07 20.36
N ALA A 359 -50.09 -30.54 19.52
CA ALA A 359 -49.64 -29.66 18.43
C ALA A 359 -49.14 -28.33 18.97
N PHE A 360 -49.80 -27.79 20.00
CA PHE A 360 -49.36 -26.52 20.57
C PHE A 360 -48.00 -26.67 21.27
N ALA A 361 -47.73 -27.82 21.86
CA ALA A 361 -46.46 -28.03 22.53
C ALA A 361 -45.32 -28.16 21.54
N MET A 362 -45.51 -28.93 20.47
CA MET A 362 -44.44 -29.11 19.48
C MET A 362 -44.16 -27.81 18.74
N THR A 363 -45.21 -27.02 18.47
CA THR A 363 -45.01 -25.74 17.79
C THR A 363 -44.30 -24.74 18.70
N PHE A 364 -44.57 -24.80 20.00
CA PHE A 364 -43.98 -23.85 20.94
C PHE A 364 -42.51 -24.17 21.19
N PHE A 365 -42.21 -25.43 21.51
CA PHE A 365 -40.85 -25.84 21.84
C PHE A 365 -39.95 -26.01 20.62
N SER A 366 -40.43 -25.66 19.43
CA SER A 366 -39.62 -25.68 18.22
C SER A 366 -39.12 -24.31 17.82
N LEU A 367 -39.98 -23.28 17.92
CA LEU A 367 -39.54 -21.92 17.62
C LEU A 367 -38.77 -21.32 18.79
N ALA A 368 -39.19 -21.61 20.01
CA ALA A 368 -38.50 -21.08 21.18
C ALA A 368 -37.10 -21.69 21.32
N THR A 369 -36.96 -22.97 20.95
CA THR A 369 -35.65 -23.60 21.01
C THR A 369 -34.70 -22.99 19.97
N MET A 370 -35.23 -22.69 18.78
CA MET A 370 -34.41 -22.04 17.76
C MET A 370 -34.07 -20.61 18.16
N LEU A 371 -35.00 -19.92 18.84
CA LEU A 371 -34.71 -18.59 19.35
C LEU A 371 -33.63 -18.62 20.42
N MET A 372 -33.59 -19.71 21.20
CA MET A 372 -32.53 -19.86 22.19
C MET A 372 -31.17 -19.99 21.51
N LEU A 373 -31.13 -20.65 20.35
CA LEU A 373 -29.88 -20.74 19.59
C LEU A 373 -29.47 -19.37 19.06
N PHE A 374 -30.46 -18.55 18.70
CA PHE A 374 -30.15 -17.19 18.24
C PHE A 374 -29.52 -16.36 19.34
N ALA A 375 -29.97 -16.55 20.59
CA ALA A 375 -29.37 -15.83 21.71
C ALA A 375 -27.93 -16.26 21.93
N MET A 376 -27.63 -17.55 21.72
CA MET A 376 -26.26 -18.01 21.83
C MET A 376 -25.39 -17.45 20.72
N ALA A 377 -25.92 -17.39 19.49
CA ALA A 377 -25.16 -16.85 18.38
C ALA A 377 -25.01 -15.33 18.50
N LEU A 378 -26.03 -14.65 18.99
CA LEU A 378 -25.95 -13.20 19.15
C LEU A 378 -24.98 -12.83 20.27
N GLU A 379 -24.87 -13.69 21.29
CA GLU A 379 -23.94 -13.42 22.38
C GLU A 379 -22.50 -13.44 21.89
N ARG A 380 -22.14 -14.47 21.12
CA ARG A 380 -20.78 -14.55 20.57
C ARG A 380 -20.54 -13.43 19.55
N TYR A 381 -21.60 -13.02 18.85
CA TYR A 381 -21.48 -11.96 17.87
C TYR A 381 -21.17 -10.62 18.52
N LEU A 382 -21.84 -10.32 19.64
CA LEU A 382 -21.61 -9.05 20.31
C LEU A 382 -20.29 -9.06 21.06
N SER A 383 -19.92 -10.19 21.66
CA SER A 383 -18.70 -10.25 22.46
C SER A 383 -17.46 -10.28 21.58
N ILE A 384 -17.41 -11.21 20.63
CA ILE A 384 -16.20 -11.36 19.80
C ILE A 384 -16.19 -10.32 18.69
N GLY A 385 -17.34 -10.09 18.06
CA GLY A 385 -17.37 -9.18 16.92
C GLY A 385 -17.13 -7.73 17.29
N HIS A 386 -17.71 -7.29 18.41
CA HIS A 386 -17.61 -5.90 18.84
C HIS A 386 -16.87 -5.81 20.17
N PRO A 387 -15.69 -5.20 20.23
CA PRO A 387 -15.03 -5.04 21.53
C PRO A 387 -15.77 -4.11 22.47
N TYR A 388 -16.56 -3.18 21.93
CA TYR A 388 -17.29 -2.24 22.79
C TYR A 388 -18.40 -2.95 23.56
N PHE A 389 -19.10 -3.88 22.90
CA PHE A 389 -20.17 -4.62 23.58
C PHE A 389 -19.60 -5.53 24.67
N TYR A 390 -18.36 -5.98 24.50
CA TYR A 390 -17.72 -6.77 25.55
C TYR A 390 -17.40 -5.91 26.75
N GLN A 391 -16.93 -4.68 26.52
CA GLN A 391 -16.69 -3.77 27.63
C GLN A 391 -18.00 -3.30 28.26
N ARG A 392 -19.06 -3.21 27.46
CA ARG A 392 -20.37 -2.87 27.98
C ARG A 392 -20.87 -3.97 28.91
N ARG A 393 -21.37 -3.57 30.08
CA ARG A 393 -21.79 -4.55 31.07
C ARG A 393 -23.03 -5.29 30.61
N VAL A 394 -22.90 -6.62 30.50
CA VAL A 394 -24.02 -7.50 30.20
C VAL A 394 -24.17 -8.42 31.40
N SER A 395 -25.19 -8.17 32.22
CA SER A 395 -25.36 -8.91 33.47
C SER A 395 -25.57 -10.40 33.19
N ARG A 396 -24.87 -11.23 33.97
CA ARG A 396 -25.04 -12.67 33.85
C ARG A 396 -26.45 -13.09 34.28
N SER A 397 -27.01 -12.40 35.28
CA SER A 397 -28.38 -12.68 35.69
C SER A 397 -29.38 -12.29 34.61
N GLY A 398 -29.01 -11.38 33.72
CA GLY A 398 -29.90 -11.03 32.61
C GLY A 398 -30.09 -12.19 31.65
N GLY A 399 -29.10 -13.08 31.57
CA GLY A 399 -29.25 -14.26 30.73
C GLY A 399 -30.36 -15.17 31.22
N LEU A 400 -30.60 -15.20 32.53
CA LEU A 400 -31.70 -15.97 33.08
C LEU A 400 -33.05 -15.38 32.67
N ALA A 401 -33.09 -14.06 32.48
CA ALA A 401 -34.33 -13.41 32.06
C ALA A 401 -34.61 -13.62 30.58
N VAL A 402 -33.65 -14.17 29.84
CA VAL A 402 -33.86 -14.42 28.42
C VAL A 402 -34.88 -15.52 28.20
N LEU A 403 -34.86 -16.54 29.06
CA LEU A 403 -35.79 -17.66 28.91
C LEU A 403 -37.26 -17.24 29.00
N PRO A 404 -37.69 -16.41 29.97
CA PRO A 404 -39.08 -15.94 29.92
C PRO A 404 -39.39 -15.09 28.69
N VAL A 405 -38.42 -14.30 28.22
CA VAL A 405 -38.65 -13.48 27.04
C VAL A 405 -38.78 -14.34 25.79
N ILE A 406 -37.92 -15.35 25.65
CA ILE A 406 -38.00 -16.24 24.49
C ILE A 406 -39.33 -17.00 24.50
N TYR A 407 -39.76 -17.47 25.67
CA TYR A 407 -41.05 -18.15 25.75
C TYR A 407 -42.20 -17.18 25.51
N ALA A 408 -42.03 -15.91 25.87
CA ALA A 408 -43.10 -14.93 25.67
C ALA A 408 -43.29 -14.62 24.19
N VAL A 409 -42.20 -14.43 23.46
CA VAL A 409 -42.30 -14.13 22.03
C VAL A 409 -42.84 -15.34 21.28
N SER A 410 -42.39 -16.54 21.65
CA SER A 410 -42.86 -17.75 20.97
C SER A 410 -44.32 -18.02 21.28
N LEU A 411 -44.77 -17.70 22.50
CA LEU A 411 -46.16 -17.95 22.87
C LEU A 411 -47.11 -17.06 22.07
N LEU A 412 -46.71 -15.82 21.77
CA LEU A 412 -47.57 -14.93 21.01
C LEU A 412 -47.73 -15.41 19.57
N PHE A 413 -46.64 -15.87 18.96
CA PHE A 413 -46.73 -16.34 17.58
C PHE A 413 -47.42 -17.69 17.50
N CYS A 414 -47.19 -18.57 18.48
CA CYS A 414 -47.84 -19.87 18.48
C CYS A 414 -49.29 -19.81 18.94
N SER A 415 -49.75 -18.66 19.43
CA SER A 415 -51.15 -18.53 19.81
C SER A 415 -52.05 -18.28 18.59
N LEU A 416 -51.48 -17.91 17.45
CA LEU A 416 -52.28 -17.67 16.26
C LEU A 416 -52.97 -18.92 15.73
N PRO A 417 -52.31 -20.08 15.58
CA PRO A 417 -53.04 -21.26 15.07
C PRO A 417 -54.12 -21.76 16.02
N LEU A 418 -54.10 -21.32 17.28
CA LEU A 418 -55.17 -21.68 18.21
C LEU A 418 -56.49 -21.05 17.82
N LEU A 419 -56.49 -20.04 16.95
CA LEU A 419 -57.70 -19.38 16.52
C LEU A 419 -58.42 -20.24 15.48
N ASP A 420 -59.46 -19.64 14.86
CA ASP A 420 -60.29 -20.38 13.93
C ASP A 420 -59.54 -20.71 12.63
N TYR A 421 -58.70 -19.79 12.15
CA TYR A 421 -58.04 -20.00 10.88
C TYR A 421 -56.97 -21.09 10.98
N GLY A 422 -56.45 -21.32 12.19
CA GLY A 422 -55.49 -22.40 12.38
C GLY A 422 -56.16 -23.76 12.30
N GLN A 423 -55.46 -24.70 11.65
CA GLN A 423 -55.99 -26.03 11.41
C GLN A 423 -54.97 -27.08 11.80
N TYR A 424 -55.43 -28.13 12.48
CA TYR A 424 -54.60 -29.26 12.87
C TYR A 424 -55.24 -30.54 12.36
N VAL A 425 -54.46 -31.33 11.61
CA VAL A 425 -54.91 -32.60 11.08
C VAL A 425 -53.94 -33.69 11.51
N GLN A 426 -54.47 -34.91 11.65
CA GLN A 426 -53.70 -36.05 12.10
C GLN A 426 -52.94 -36.65 10.92
N TYR A 427 -51.63 -36.84 11.08
CA TYR A 427 -50.79 -37.39 10.02
C TYR A 427 -50.98 -38.89 9.89
N CYS A 428 -50.24 -39.50 8.97
CA CYS A 428 -50.39 -40.93 8.71
C CYS A 428 -49.99 -41.82 9.88
N PRO A 429 -48.87 -41.60 10.59
CA PRO A 429 -48.54 -42.49 11.72
C PRO A 429 -49.58 -42.46 12.83
N GLY A 430 -50.35 -41.37 12.93
CA GLY A 430 -51.37 -41.26 13.95
C GLY A 430 -50.92 -40.62 15.24
N THR A 431 -49.65 -40.25 15.36
CA THR A 431 -49.12 -39.61 16.56
C THR A 431 -48.72 -38.16 16.34
N TRP A 432 -48.69 -37.70 15.09
CA TRP A 432 -48.35 -36.32 14.76
C TRP A 432 -49.58 -35.60 14.24
N CYS A 433 -49.81 -34.39 14.73
CA CYS A 433 -50.88 -33.53 14.23
C CYS A 433 -50.39 -32.10 14.07
N PHE A 434 -49.19 -31.94 13.50
CA PHE A 434 -48.59 -30.62 13.36
C PHE A 434 -49.37 -29.77 12.35
N ILE A 435 -48.88 -28.54 12.15
CA ILE A 435 -49.57 -27.59 11.29
C ILE A 435 -49.77 -28.17 9.90
N ARG A 436 -50.95 -27.95 9.34
CA ARG A 436 -51.31 -28.44 8.01
C ARG A 436 -51.24 -27.30 6.99
N HIS A 437 -50.66 -27.60 5.83
CA HIS A 437 -50.58 -26.61 4.77
C HIS A 437 -51.95 -26.39 4.13
N GLY A 438 -52.35 -25.13 4.03
CA GLY A 438 -53.63 -24.81 3.44
C GLY A 438 -53.63 -23.40 2.91
N ARG A 439 -54.84 -22.88 2.67
CA ARG A 439 -54.97 -21.52 2.16
C ARG A 439 -54.56 -20.49 3.21
N THR A 440 -54.72 -20.83 4.48
CA THR A 440 -54.31 -19.93 5.56
C THR A 440 -52.79 -19.78 5.55
N ALA A 441 -52.34 -18.52 5.60
CA ALA A 441 -50.91 -18.21 5.49
C ALA A 441 -50.31 -18.10 6.88
N TYR A 442 -50.11 -19.25 7.52
CA TYR A 442 -49.38 -19.33 8.78
C TYR A 442 -48.21 -20.30 8.74
N LEU A 443 -48.36 -21.44 8.05
CA LEU A 443 -47.25 -22.37 7.92
C LEU A 443 -46.11 -21.77 7.13
N GLN A 444 -46.44 -20.89 6.17
CA GLN A 444 -45.40 -20.19 5.42
C GLN A 444 -44.67 -19.18 6.32
N LEU A 445 -45.41 -18.52 7.21
CA LEU A 445 -44.78 -17.56 8.12
C LEU A 445 -43.98 -18.26 9.20
N TYR A 446 -44.46 -19.41 9.68
CA TYR A 446 -43.73 -20.13 10.71
C TYR A 446 -42.40 -20.67 10.19
N ALA A 447 -42.38 -21.14 8.94
CA ALA A 447 -41.14 -21.58 8.33
C ALA A 447 -40.25 -20.39 7.97
N THR A 448 -40.87 -19.23 7.71
CA THR A 448 -40.10 -18.03 7.41
C THR A 448 -39.26 -17.60 8.61
N LEU A 449 -39.84 -17.67 9.81
CA LEU A 449 -39.08 -17.34 11.02
C LEU A 449 -37.95 -18.33 11.24
N LEU A 450 -38.22 -19.62 11.05
CA LEU A 450 -37.19 -20.63 11.23
C LEU A 450 -36.08 -20.48 10.20
N LEU A 451 -36.45 -20.17 8.94
CA LEU A 451 -35.43 -19.99 7.91
C LEU A 451 -34.59 -18.75 8.16
N LEU A 452 -35.24 -17.65 8.58
CA LEU A 452 -34.49 -16.43 8.88
C LEU A 452 -33.59 -16.62 10.10
N LEU A 453 -34.02 -17.41 11.07
CA LEU A 453 -33.20 -17.67 12.24
C LEU A 453 -31.98 -18.49 11.89
N ILE A 454 -32.14 -19.47 10.98
CA ILE A 454 -31.00 -20.26 10.53
C ILE A 454 -29.96 -19.38 9.86
N VAL A 455 -30.43 -18.50 8.97
CA VAL A 455 -29.50 -17.58 8.30
C VAL A 455 -28.89 -16.61 9.31
N SER A 456 -29.68 -16.19 10.30
CA SER A 456 -29.17 -15.27 11.31
C SER A 456 -28.11 -15.94 12.18
N VAL A 457 -28.36 -17.19 12.59
CA VAL A 457 -27.39 -17.91 13.42
C VAL A 457 -26.13 -18.21 12.62
N LEU A 458 -26.28 -18.60 11.36
CA LEU A 458 -25.12 -18.85 10.51
C LEU A 458 -24.35 -17.57 10.23
N ALA A 459 -25.05 -16.45 10.08
CA ALA A 459 -24.38 -15.18 9.87
C ALA A 459 -23.53 -14.79 11.08
N CYS A 460 -24.04 -15.07 12.29
CA CYS A 460 -23.27 -14.79 13.49
C CYS A 460 -22.07 -15.73 13.60
N ASN A 461 -22.26 -17.00 13.27
CA ASN A 461 -21.16 -17.95 13.31
C ASN A 461 -20.09 -17.61 12.27
N PHE A 462 -20.52 -17.25 11.06
CA PHE A 462 -19.56 -16.86 10.03
C PHE A 462 -18.78 -15.61 10.44
N SER A 463 -19.45 -14.69 11.14
CA SER A 463 -18.77 -13.48 11.59
C SER A 463 -17.76 -13.79 12.70
N VAL A 464 -18.13 -14.69 13.62
CA VAL A 464 -17.22 -15.05 14.70
C VAL A 464 -16.01 -15.80 14.15
N ILE A 465 -16.24 -16.70 13.19
CA ILE A 465 -15.13 -17.45 12.59
C ILE A 465 -14.14 -16.50 11.93
N LEU A 466 -14.65 -15.52 11.18
CA LEU A 466 -13.77 -14.53 10.57
C LEU A 466 -13.06 -13.69 11.64
N ASN A 467 -13.75 -13.41 12.75
CA ASN A 467 -13.12 -12.66 13.84
C ASN A 467 -12.08 -13.52 14.56
N LEU A 468 -12.37 -14.81 14.73
CA LEU A 468 -11.41 -15.68 15.39
C LEU A 468 -10.17 -15.89 14.52
N ILE A 469 -10.36 -16.04 13.21
CA ILE A 469 -9.22 -16.21 12.31
C ILE A 469 -8.35 -14.97 12.33
N ARG A 470 -8.97 -13.78 12.32
CA ARG A 470 -8.20 -12.55 12.44
C ARG A 470 -7.53 -12.45 13.81
N ALA A 471 -8.16 -13.02 14.84
CA ALA A 471 -7.55 -13.01 16.16
C ALA A 471 -6.36 -13.94 16.23
N ARG A 472 -6.39 -15.04 15.46
CA ARG A 472 -5.26 -15.97 15.45
C ARG A 472 -4.05 -15.34 14.78
N ARG A 473 -4.26 -14.57 13.71
CA ARG A 473 -3.14 -13.93 13.03
C ARG A 473 -2.53 -12.83 13.89
N GLN A 474 -3.36 -12.10 14.64
CA GLN A 474 -2.84 -11.08 15.54
C GLN A 474 -2.01 -11.70 16.65
N LEU A 475 -2.46 -12.83 17.19
CA LEU A 475 -1.68 -13.52 18.22
C LEU A 475 -0.41 -14.13 17.64
N ALA A 476 -0.49 -14.62 16.40
CA ALA A 476 0.70 -15.18 15.75
C ALA A 476 1.74 -14.11 15.48
N ASP A 477 1.30 -12.93 15.00
CA ASP A 477 2.23 -11.84 14.79
C ASP A 477 2.78 -11.31 16.11
N LEU A 478 1.94 -11.30 17.15
CA LEU A 478 2.40 -10.89 18.47
C LEU A 478 3.40 -11.89 19.04
N GLU A 479 3.16 -13.18 18.82
CA GLU A 479 4.11 -14.20 19.27
C GLU A 479 5.40 -14.14 18.45
N ASP A 480 5.28 -13.85 17.15
CA ASP A 480 6.48 -13.74 16.32
C ASP A 480 7.35 -12.56 16.76
N ASN A 481 6.72 -11.43 17.10
CA ASN A 481 7.48 -10.30 17.60
C ASN A 481 8.06 -10.60 18.98
N TRP A 482 7.36 -11.41 19.77
CA TRP A 482 7.90 -11.83 21.07
C TRP A 482 9.13 -12.69 20.90
N GLU A 483 9.14 -13.58 19.91
CA GLU A 483 10.31 -14.42 19.67
C GLU A 483 11.47 -13.58 19.12
N THR A 484 11.15 -12.57 18.32
CA THR A 484 12.20 -11.71 17.77
C THR A 484 12.93 -10.95 18.87
N LEU A 485 12.18 -10.51 19.89
CA LEU A 485 12.80 -9.80 21.01
C LEU A 485 13.69 -10.73 21.81
N ASN A 486 13.21 -11.94 22.11
CA ASN A 486 13.97 -12.85 22.97
C ASN A 486 15.20 -13.40 22.25
N ASP A 487 15.08 -13.70 20.96
CA ASP A 487 16.21 -14.26 20.21
C ASP A 487 17.33 -13.25 20.05
N ASN A 488 16.98 -12.00 19.71
CA ASN A 488 18.00 -10.98 19.54
C ASN A 488 18.60 -10.56 20.88
N LEU A 489 17.85 -10.73 21.96
CA LEU A 489 18.36 -10.37 23.28
C LEU A 489 19.52 -11.26 23.68
N LYS A 490 19.46 -12.55 23.34
CA LYS A 490 20.55 -13.46 23.66
C LYS A 490 21.79 -13.13 22.85
N VAL A 491 21.61 -12.55 21.66
CA VAL A 491 22.75 -12.17 20.82
C VAL A 491 23.52 -11.03 21.46
N ILE A 492 22.82 -10.09 22.10
CA ILE A 492 23.47 -8.94 22.71
C ILE A 492 24.38 -9.38 23.85
N GLU A 493 23.99 -10.43 24.57
CA GLU A 493 24.78 -10.89 25.71
C GLU A 493 26.12 -11.45 25.26
N LYS A 494 26.16 -12.08 24.09
CA LYS A 494 27.39 -12.68 23.58
C LYS A 494 28.02 -11.86 22.44
N ALA A 495 27.57 -10.63 22.22
CA ALA A 495 28.13 -9.77 21.18
C ALA A 495 29.20 -8.89 21.80
N ASP A 496 30.46 -9.14 21.42
CA ASP A 496 31.57 -8.33 21.93
C ASP A 496 31.69 -7.01 21.16
N ASN A 497 31.52 -7.06 19.84
CA ASN A 497 31.62 -5.85 19.04
C ASN A 497 30.35 -5.01 19.19
N ALA A 498 30.52 -3.69 19.10
CA ALA A 498 29.38 -2.79 19.23
C ALA A 498 28.49 -2.83 17.99
N ALA A 499 29.05 -3.26 16.86
CA ALA A 499 28.27 -3.33 15.63
C ALA A 499 27.17 -4.39 15.72
N GLN A 500 27.47 -5.54 16.33
CA GLN A 500 26.47 -6.58 16.46
C GLN A 500 25.41 -6.21 17.49
N VAL A 501 25.79 -5.42 18.49
CA VAL A 501 24.82 -4.97 19.49
C VAL A 501 23.82 -4.01 18.87
N LYS A 502 24.31 -3.07 18.05
CA LYS A 502 23.42 -2.11 17.41
C LYS A 502 22.50 -2.80 16.39
N ASP A 503 23.00 -3.84 15.72
CA ASP A 503 22.19 -4.54 14.74
C ASP A 503 21.06 -5.32 15.42
N ALA A 504 21.36 -5.95 16.56
CA ALA A 504 20.34 -6.71 17.26
C ALA A 504 19.28 -5.79 17.86
N LEU A 505 19.70 -4.64 18.39
CA LEU A 505 18.73 -3.69 18.95
C LEU A 505 17.87 -3.08 17.86
N THR A 506 18.37 -3.03 16.63
CA THR A 506 17.59 -2.47 15.53
C THR A 506 16.37 -3.34 15.22
N LYS A 507 16.57 -4.66 15.17
CA LYS A 507 15.44 -5.56 14.91
C LYS A 507 14.48 -5.60 16.09
N MET A 508 15.00 -5.42 17.31
CA MET A 508 14.14 -5.42 18.48
C MET A 508 13.24 -4.19 18.51
N ARG A 509 13.77 -3.03 18.12
CA ARG A 509 12.98 -1.81 18.14
C ARG A 509 11.85 -1.86 17.11
N ALA A 510 12.12 -2.42 15.93
CA ALA A 510 11.09 -2.55 14.92
C ALA A 510 10.05 -3.58 15.32
N ALA A 511 10.48 -4.64 16.02
CA ALA A 511 9.53 -5.66 16.46
C ALA A 511 8.63 -5.13 17.58
N ALA A 512 9.16 -4.22 18.40
CA ALA A 512 8.35 -3.66 19.48
C ALA A 512 7.25 -2.75 18.94
N LEU A 513 7.55 -2.00 17.87
CA LEU A 513 6.54 -1.12 17.29
C LEU A 513 5.47 -1.92 16.55
N ASP A 514 5.84 -3.10 16.03
CA ASP A 514 4.87 -3.94 15.34
C ASP A 514 3.98 -4.68 16.33
N ALA A 515 4.52 -4.99 17.52
CA ALA A 515 3.76 -5.76 18.49
C ALA A 515 2.75 -4.89 19.21
N GLN A 516 3.08 -3.61 19.44
CA GLN A 516 2.17 -2.74 20.18
C GLN A 516 0.92 -2.42 19.35
N LYS A 517 1.04 -2.48 18.02
CA LYS A 517 -0.10 -2.21 17.15
C LYS A 517 -1.00 -3.44 17.05
N SER A 524 -10.04 -0.08 27.01
CA SER A 524 -9.83 -1.22 27.90
C SER A 524 -8.58 -1.01 28.75
N PRO A 525 -8.64 -1.46 30.02
CA PRO A 525 -7.46 -1.32 30.89
C PRO A 525 -6.26 -2.10 30.40
N GLU A 526 -6.47 -3.29 29.85
CA GLU A 526 -5.36 -4.09 29.35
C GLU A 526 -4.75 -3.47 28.09
N MET A 527 -5.58 -2.82 27.27
CA MET A 527 -5.07 -2.20 26.06
C MET A 527 -4.20 -0.98 26.39
N LYS A 528 -4.60 -0.19 27.37
CA LYS A 528 -3.79 0.96 27.77
C LYS A 528 -2.47 0.53 28.39
N ASP A 529 -2.50 -0.54 29.19
CA ASP A 529 -1.28 -1.05 29.80
C ASP A 529 -0.39 -1.72 28.75
N PHE A 530 -0.98 -2.29 27.70
CA PHE A 530 -0.19 -2.91 26.65
C PHE A 530 0.55 -1.87 25.83
N ARG A 531 -0.08 -0.74 25.54
CA ARG A 531 0.60 0.33 24.82
C ARG A 531 1.67 0.96 25.68
N HIS A 532 1.37 1.22 26.96
CA HIS A 532 2.35 1.79 27.86
C HIS A 532 3.51 0.82 28.11
N GLY A 533 3.24 -0.47 28.01
CA GLY A 533 4.30 -1.45 28.20
C GLY A 533 5.40 -1.34 27.16
N PHE A 534 5.02 -1.09 25.90
CA PHE A 534 6.02 -0.96 24.85
C PHE A 534 6.57 0.46 24.78
N ASP A 535 5.78 1.44 25.21
CA ASP A 535 6.26 2.83 25.21
C ASP A 535 7.49 2.98 26.09
N ILE A 536 7.49 2.36 27.27
CA ILE A 536 8.67 2.38 28.12
C ILE A 536 9.69 1.36 27.62
N LEU A 537 9.25 0.34 26.90
CA LEU A 537 10.18 -0.67 26.40
C LEU A 537 11.01 -0.13 25.24
N VAL A 538 10.38 0.62 24.33
CA VAL A 538 11.13 1.22 23.22
C VAL A 538 12.11 2.25 23.74
N GLY A 539 11.74 2.98 24.80
CA GLY A 539 12.65 3.93 25.40
C GLY A 539 13.90 3.27 25.95
N GLN A 540 13.76 2.06 26.49
CA GLN A 540 14.92 1.31 26.95
C GLN A 540 15.79 0.88 25.77
N ILE A 541 15.16 0.59 24.62
CA ILE A 541 15.93 0.24 23.43
C ILE A 541 16.70 1.45 22.93
N ASP A 542 16.10 2.63 22.99
CA ASP A 542 16.79 3.85 22.59
C ASP A 542 17.96 4.15 23.51
N ASP A 543 17.81 3.88 24.81
CA ASP A 543 18.91 4.07 25.74
C ASP A 543 20.04 3.07 25.47
N ALA A 544 19.70 1.82 25.14
CA ALA A 544 20.72 0.84 24.81
C ALA A 544 21.38 1.18 23.48
N LEU A 545 20.61 1.70 22.52
CA LEU A 545 21.20 2.13 21.25
C LEU A 545 22.04 3.38 21.45
N LYS A 546 21.69 4.22 22.43
CA LYS A 546 22.49 5.40 22.73
C LYS A 546 23.87 5.01 23.25
N LEU A 547 23.93 4.01 24.13
CA LEU A 547 25.22 3.56 24.65
C LEU A 547 26.00 2.80 23.58
N ALA A 548 25.30 2.16 22.65
CA ALA A 548 25.98 1.41 21.60
C ALA A 548 26.68 2.34 20.61
N ASN A 549 26.07 3.49 20.34
CA ASN A 549 26.70 4.45 19.43
C ASN A 549 27.95 5.06 20.03
N GLU A 550 27.94 5.32 21.34
CA GLU A 550 29.10 5.90 22.01
C GLU A 550 30.24 4.90 22.14
N GLY A 551 29.96 3.61 22.02
CA GLY A 551 30.98 2.58 22.13
C GLY A 551 30.99 1.82 23.44
N LYS A 552 30.00 2.04 24.31
CA LYS A 552 29.93 1.34 25.60
C LYS A 552 29.19 0.03 25.40
N VAL A 553 29.97 -1.03 25.12
CA VAL A 553 29.38 -2.35 24.89
C VAL A 553 28.87 -2.94 26.20
N LYS A 554 29.68 -2.85 27.26
CA LYS A 554 29.27 -3.41 28.55
C LYS A 554 28.06 -2.68 29.12
N GLU A 555 28.01 -1.36 28.95
CA GLU A 555 26.86 -0.59 29.44
C GLU A 555 25.62 -0.89 28.62
N ALA A 556 25.78 -1.18 27.33
CA ALA A 556 24.64 -1.52 26.50
C ALA A 556 24.06 -2.88 26.87
N GLN A 557 24.93 -3.83 27.22
CA GLN A 557 24.45 -5.14 27.64
C GLN A 557 23.78 -5.07 29.00
N ALA A 558 24.20 -4.13 29.86
CA ALA A 558 23.56 -3.96 31.15
C ALA A 558 22.12 -3.48 30.99
N ALA A 559 21.88 -2.59 30.03
CA ALA A 559 20.51 -2.12 29.78
C ALA A 559 19.67 -3.21 29.14
N ALA A 560 20.32 -4.15 28.43
CA ALA A 560 19.59 -5.25 27.82
C ALA A 560 19.05 -6.21 28.88
N GLU A 561 19.78 -6.37 29.99
CA GLU A 561 19.30 -7.23 31.07
C GLU A 561 18.08 -6.64 31.75
N GLN A 562 18.07 -5.31 31.93
CA GLN A 562 16.90 -4.66 32.52
C GLN A 562 15.73 -4.68 31.56
N LEU A 563 16.00 -4.82 30.27
CA LEU A 563 14.92 -4.87 29.27
C LEU A 563 14.10 -6.14 29.43
N LYS A 564 14.74 -7.24 29.83
CA LYS A 564 14.01 -8.50 29.99
C LYS A 564 13.06 -8.43 31.18
N THR A 565 13.49 -7.80 32.27
CA THR A 565 12.63 -7.71 33.45
C THR A 565 11.41 -6.83 33.18
N THR A 566 11.59 -5.75 32.42
CA THR A 566 10.46 -4.86 32.13
C THR A 566 9.50 -5.51 31.15
N ARG A 567 10.02 -6.28 30.18
CA ARG A 567 9.15 -6.91 29.20
C ARG A 567 8.30 -8.01 29.84
N ASN A 568 8.90 -8.81 30.73
CA ASN A 568 8.16 -9.90 31.36
C ASN A 568 7.11 -9.37 32.34
N ALA A 569 7.31 -8.14 32.84
CA ALA A 569 6.39 -7.60 33.83
C ALA A 569 5.05 -7.22 33.20
N TYR A 570 5.07 -6.59 32.02
CA TYR A 570 3.87 -6.08 31.38
C TYR A 570 3.49 -6.82 30.12
N ILE A 571 4.46 -7.04 29.22
CA ILE A 571 4.13 -7.63 27.91
C ILE A 571 3.77 -9.09 28.06
N GLN A 572 4.53 -9.84 28.87
CA GLN A 572 4.28 -11.27 29.01
C GLN A 572 2.91 -11.55 29.62
N LYS A 573 2.44 -10.66 30.49
CA LYS A 573 1.12 -10.86 31.11
C LYS A 573 0.01 -10.78 30.07
N TYR A 574 0.16 -9.90 29.08
CA TYR A 574 -0.86 -9.78 28.04
C TYR A 574 -0.86 -10.98 27.11
N LEU A 575 0.33 -11.54 26.85
CA LEU A 575 0.41 -12.71 25.99
C LEU A 575 -0.26 -13.92 26.62
N GLU A 576 -0.08 -14.11 27.93
CA GLU A 576 -0.71 -15.24 28.60
C GLU A 576 -2.23 -15.12 28.59
N ARG A 577 -2.75 -13.89 28.77
CA ARG A 577 -4.19 -13.69 28.70
C ARG A 577 -4.70 -13.83 27.28
N ALA A 578 -3.88 -13.46 26.30
CA ALA A 578 -4.30 -13.57 24.90
C ALA A 578 -4.44 -15.03 24.48
N ARG A 579 -3.51 -15.88 24.91
CA ARG A 579 -3.59 -17.30 24.58
C ARG A 579 -4.75 -17.96 25.31
N SER A 580 -5.02 -17.54 26.54
CA SER A 580 -6.10 -18.14 27.33
C SER A 580 -7.46 -17.69 26.82
N THR A 581 -7.61 -16.40 26.51
CA THR A 581 -8.90 -15.90 26.04
C THR A 581 -9.26 -16.49 24.68
N LEU A 582 -8.30 -16.52 23.77
CA LEU A 582 -8.56 -17.07 22.44
C LEU A 582 -8.92 -18.55 22.51
N ALA A 583 -8.30 -19.29 23.44
CA ALA A 583 -8.57 -20.71 23.57
C ALA A 583 -9.94 -20.97 24.19
N GLU A 584 -10.37 -20.10 25.10
CA GLU A 584 -11.67 -20.29 25.74
C GLU A 584 -12.81 -19.92 24.79
N GLU A 585 -12.63 -18.86 24.00
CA GLU A 585 -13.70 -18.41 23.12
C GLU A 585 -13.88 -19.34 21.94
N THR A 586 -12.79 -19.94 21.44
CA THR A 586 -12.90 -20.84 20.31
C THR A 586 -13.56 -22.15 20.72
N ASP A 587 -13.48 -22.51 22.01
CA ASP A 587 -14.18 -23.69 22.48
C ASP A 587 -15.68 -23.48 22.50
N HIS A 588 -16.12 -22.27 22.86
CA HIS A 588 -17.54 -21.95 22.81
C HIS A 588 -18.05 -21.93 21.38
N LEU A 589 -17.19 -21.55 20.43
CA LEU A 589 -17.58 -21.56 19.02
C LEU A 589 -17.77 -22.99 18.51
N ILE A 590 -16.92 -23.91 18.95
CA ILE A 590 -17.07 -25.31 18.56
C ILE A 590 -18.38 -25.87 19.10
N LEU A 591 -18.72 -25.51 20.35
CA LEU A 591 -20.01 -25.93 20.91
C LEU A 591 -21.17 -25.34 20.12
N LEU A 592 -21.02 -24.09 19.68
CA LEU A 592 -22.09 -23.45 18.92
C LEU A 592 -22.15 -23.96 17.48
N ALA A 593 -21.00 -24.31 16.92
CA ALA A 593 -20.96 -24.74 15.52
C ALA A 593 -21.63 -26.09 15.33
N ILE A 594 -21.42 -27.03 16.26
CA ILE A 594 -22.01 -28.35 16.13
C ILE A 594 -23.52 -28.29 16.31
N MET A 595 -23.99 -27.41 17.20
CA MET A 595 -25.42 -27.33 17.48
C MET A 595 -26.18 -26.73 16.30
N THR A 596 -25.62 -25.69 15.67
CA THR A 596 -26.32 -25.06 14.56
C THR A 596 -26.30 -25.93 13.31
N ILE A 597 -25.32 -26.83 13.20
CA ILE A 597 -25.29 -27.74 12.07
C ILE A 597 -26.39 -28.79 12.18
N THR A 598 -26.57 -29.18 13.47
CA THR A 598 -27.59 -30.14 13.82
C THR A 598 -28.87 -29.50 14.10
N PHE A 599 -29.11 -28.36 13.53
CA PHE A 599 -30.39 -27.76 13.66
C PHE A 599 -30.68 -27.47 12.25
N ALA A 600 -29.66 -27.19 11.49
CA ALA A 600 -29.86 -26.83 10.09
C ALA A 600 -30.28 -28.04 9.25
N VAL A 601 -29.61 -29.18 9.45
CA VAL A 601 -29.93 -30.37 8.66
C VAL A 601 -31.33 -30.86 8.97
N CYS A 602 -31.81 -30.62 10.20
CA CYS A 602 -33.13 -31.10 10.59
C CYS A 602 -34.23 -30.12 10.22
N SER A 603 -33.93 -28.82 10.23
CA SER A 603 -34.97 -27.83 9.96
C SER A 603 -35.19 -27.62 8.47
N LEU A 604 -34.20 -27.96 7.64
CA LEU A 604 -34.36 -27.79 6.20
C LEU A 604 -35.50 -28.62 5.61
N PRO A 605 -35.71 -29.89 5.99
CA PRO A 605 -36.88 -30.61 5.46
C PRO A 605 -38.20 -29.93 5.80
N PHE A 606 -38.30 -29.30 6.98
CA PHE A 606 -39.52 -28.59 7.33
C PHE A 606 -39.67 -27.31 6.51
N THR A 607 -38.54 -26.71 6.13
CA THR A 607 -38.59 -25.49 5.33
C THR A 607 -39.10 -25.78 3.92
N ILE A 608 -38.60 -26.86 3.30
CA ILE A 608 -39.04 -27.21 1.96
C ILE A 608 -40.49 -27.71 1.98
N PHE A 609 -40.85 -28.45 3.02
CA PHE A 609 -42.22 -28.97 3.12
C PHE A 609 -43.24 -27.85 3.23
N ALA A 610 -42.92 -26.81 4.01
CA ALA A 610 -43.88 -25.73 4.22
C ALA A 610 -44.02 -24.87 2.97
N TYR A 611 -42.90 -24.58 2.29
CA TYR A 611 -42.95 -23.73 1.11
C TYR A 611 -43.65 -24.42 -0.05
N MET A 612 -43.39 -25.71 -0.25
CA MET A 612 -44.03 -26.44 -1.32
C MET A 612 -45.51 -26.67 -1.00
N ASN A 613 -46.34 -26.58 -2.04
CA ASN A 613 -47.79 -26.74 -1.86
C ASN A 613 -48.13 -28.21 -1.63
N GLU A 614 -49.20 -28.45 -0.86
CA GLU A 614 -49.64 -29.81 -0.60
C GLU A 614 -50.27 -30.43 -1.83
N THR A 615 -50.96 -29.63 -2.64
CA THR A 615 -51.61 -30.17 -3.84
C THR A 615 -50.60 -30.58 -4.89
N SER A 616 -49.35 -30.10 -4.78
CA SER A 616 -48.33 -30.46 -5.76
C SER A 616 -47.99 -31.95 -5.70
N SER A 617 -47.90 -32.50 -4.49
CA SER A 617 -47.59 -33.91 -4.30
C SER A 617 -48.89 -34.66 -3.99
N ARG A 618 -49.21 -35.65 -4.82
CA ARG A 618 -50.41 -36.45 -4.58
C ARG A 618 -50.28 -37.28 -3.30
N LYS A 619 -49.15 -37.93 -3.12
CA LYS A 619 -48.86 -38.71 -1.91
C LYS A 619 -47.65 -38.05 -1.24
N GLU A 620 -47.92 -37.09 -0.38
CA GLU A 620 -46.85 -36.31 0.24
C GLU A 620 -46.07 -37.16 1.22
N LYS A 621 -44.75 -37.25 1.00
CA LYS A 621 -43.87 -37.98 1.89
C LYS A 621 -42.89 -37.10 2.64
N TRP A 622 -42.69 -35.85 2.21
CA TRP A 622 -41.77 -34.96 2.90
C TRP A 622 -42.35 -34.49 4.22
N ASP A 623 -43.68 -34.57 4.37
CA ASP A 623 -44.33 -34.16 5.61
C ASP A 623 -43.89 -35.04 6.78
N LEU A 624 -43.96 -36.36 6.60
CA LEU A 624 -43.55 -37.28 7.66
C LEU A 624 -42.07 -37.15 7.96
N GLN A 625 -41.25 -36.92 6.92
CA GLN A 625 -39.82 -36.74 7.14
C GLN A 625 -39.52 -35.49 7.93
N ALA A 626 -40.26 -34.41 7.67
CA ALA A 626 -40.05 -33.17 8.42
C ALA A 626 -40.42 -33.33 9.88
N LEU A 627 -41.40 -34.18 10.18
CA LEU A 627 -41.80 -34.42 11.56
C LEU A 627 -40.71 -35.15 12.33
N ARG A 628 -40.04 -36.10 11.68
CA ARG A 628 -39.01 -36.89 12.35
C ARG A 628 -37.82 -36.03 12.74
N PHE A 629 -37.27 -35.28 11.77
CA PHE A 629 -36.08 -34.47 12.04
C PHE A 629 -36.39 -33.36 13.04
N LEU A 630 -37.64 -32.87 13.04
CA LEU A 630 -37.99 -31.78 13.96
C LEU A 630 -37.92 -32.24 15.40
N SER A 631 -38.14 -33.52 15.65
CA SER A 631 -38.06 -34.04 17.02
C SER A 631 -36.65 -34.56 17.33
N ILE A 632 -35.93 -35.03 16.32
CA ILE A 632 -34.62 -35.62 16.55
C ILE A 632 -33.61 -34.55 16.98
N ASN A 633 -33.70 -33.35 16.38
CA ASN A 633 -32.72 -32.31 16.67
C ASN A 633 -32.73 -31.92 18.14
N SER A 634 -33.91 -31.93 18.77
CA SER A 634 -33.98 -31.59 20.19
C SER A 634 -33.35 -32.68 21.04
N ILE A 635 -33.28 -33.91 20.53
CA ILE A 635 -32.68 -35.00 21.28
C ILE A 635 -31.16 -34.99 21.12
N ILE A 636 -30.67 -34.60 19.93
CA ILE A 636 -29.23 -34.64 19.67
C ILE A 636 -28.52 -33.52 20.42
N ASP A 637 -29.20 -32.39 20.64
CA ASP A 637 -28.54 -31.24 21.24
C ASP A 637 -27.95 -31.51 22.62
N PRO A 638 -28.65 -32.14 23.58
CA PRO A 638 -27.99 -32.43 24.86
C PRO A 638 -26.87 -33.44 24.74
N TRP A 639 -26.97 -34.39 23.81
CA TRP A 639 -25.91 -35.37 23.65
C TRP A 639 -24.67 -34.75 22.99
N VAL A 640 -24.86 -33.66 22.24
CA VAL A 640 -23.72 -32.96 21.65
C VAL A 640 -22.81 -32.42 22.75
N PHE A 641 -23.40 -31.79 23.77
CA PHE A 641 -22.61 -31.28 24.88
C PHE A 641 -21.99 -32.41 25.68
N ALA A 642 -22.64 -33.58 25.70
CA ALA A 642 -22.09 -34.72 26.44
C ALA A 642 -20.85 -35.27 25.74
N ILE A 643 -20.82 -35.22 24.41
CA ILE A 643 -19.64 -35.70 23.69
C ILE A 643 -18.55 -34.65 23.70
N LEU A 644 -18.90 -33.39 23.49
CA LEU A 644 -17.93 -32.29 23.46
C LEU A 644 -17.68 -31.84 24.90
N ARG A 645 -16.72 -32.49 25.54
CA ARG A 645 -16.35 -32.17 26.91
C ARG A 645 -15.38 -31.01 26.93
N PRO A 646 -15.16 -30.39 28.09
CA PRO A 646 -14.19 -29.29 28.19
C PRO A 646 -12.81 -29.67 27.68
N PRO A 647 -12.37 -30.94 27.85
CA PRO A 647 -11.11 -31.29 27.17
C PRO A 647 -11.27 -31.40 25.64
N VAL A 648 -11.48 -30.26 25.00
CA VAL A 648 -11.55 -30.18 23.55
C VAL A 648 -10.27 -29.61 22.95
N LEU A 649 -9.14 -29.72 23.66
CA LEU A 649 -7.88 -29.22 23.14
C LEU A 649 -7.49 -29.92 21.84
N ARG A 650 -7.88 -31.19 21.70
CA ARG A 650 -7.62 -31.91 20.46
C ARG A 650 -8.43 -31.34 19.31
N LEU A 651 -9.69 -30.98 19.57
CA LEU A 651 -10.53 -30.41 18.51
C LEU A 651 -10.15 -28.95 18.24
N MET A 652 -9.60 -28.27 19.24
CA MET A 652 -9.20 -26.87 19.03
C MET A 652 -8.04 -26.76 18.06
N ARG A 653 -7.04 -27.63 18.19
CA ARG A 653 -5.87 -27.65 17.31
C ARG A 653 -5.75 -29.05 16.69
N SER A 654 -6.37 -29.23 15.53
CA SER A 654 -6.34 -30.51 14.83
C SER A 654 -5.89 -30.34 13.39
N GLU B 2 4.50 30.77 13.12
CA GLU B 2 4.39 29.31 13.03
C GLU B 2 5.77 28.66 13.12
N VAL B 3 5.80 27.33 13.00
CA VAL B 3 7.05 26.59 13.09
C VAL B 3 7.88 26.87 11.83
N GLN B 4 9.05 27.48 12.01
CA GLN B 4 9.93 27.81 10.90
C GLN B 4 11.37 27.50 11.30
N LEU B 5 12.16 27.09 10.31
CA LEU B 5 13.57 26.80 10.49
C LEU B 5 14.36 27.50 9.40
N VAL B 6 15.25 28.41 9.80
CA VAL B 6 16.03 29.22 8.87
C VAL B 6 17.49 28.78 8.95
N GLU B 7 18.06 28.42 7.81
CA GLU B 7 19.47 28.06 7.73
C GLU B 7 20.30 29.23 7.23
N SER B 8 21.55 29.28 7.66
CA SER B 8 22.45 30.36 7.26
C SER B 8 23.88 29.89 7.41
N GLY B 9 24.80 30.63 6.78
CA GLY B 9 26.21 30.34 6.84
C GLY B 9 26.78 29.62 5.63
N GLY B 10 25.94 29.22 4.68
CA GLY B 10 26.42 28.52 3.52
C GLY B 10 27.01 29.45 2.47
N GLY B 11 27.78 28.85 1.57
CA GLY B 11 28.42 29.62 0.51
C GLY B 11 29.60 28.85 -0.08
N LEU B 12 30.62 29.60 -0.47
CA LEU B 12 31.82 29.04 -1.08
C LEU B 12 32.88 28.79 -0.01
N VAL B 13 33.44 27.58 -0.01
CA VAL B 13 34.49 27.21 0.93
C VAL B 13 35.60 26.51 0.16
N GLN B 14 36.85 26.88 0.48
CA GLN B 14 37.99 26.23 -0.15
C GLN B 14 38.19 24.83 0.42
N PRO B 15 38.70 23.90 -0.40
CA PRO B 15 38.93 22.54 0.10
C PRO B 15 39.94 22.53 1.25
N GLY B 16 39.69 21.66 2.22
CA GLY B 16 40.54 21.58 3.39
C GLY B 16 40.24 22.60 4.47
N GLY B 17 39.23 23.43 4.28
CA GLY B 17 38.87 24.45 5.25
C GLY B 17 37.75 24.01 6.17
N SER B 18 37.13 25.00 6.82
CA SER B 18 36.05 24.77 7.76
C SER B 18 34.93 25.76 7.50
N LEU B 19 33.70 25.35 7.83
CA LEU B 19 32.52 26.18 7.66
C LEU B 19 31.58 25.98 8.83
N ARG B 20 30.94 27.06 9.25
CA ARG B 20 30.00 27.04 10.37
C ARG B 20 28.60 27.36 9.83
N LEU B 21 27.71 26.36 9.87
CA LEU B 21 26.32 26.53 9.47
C LEU B 21 25.45 26.68 10.71
N SER B 22 24.41 27.50 10.60
CA SER B 22 23.52 27.78 11.71
C SER B 22 22.07 27.52 11.30
N CYS B 23 21.31 26.95 12.22
CA CYS B 23 19.89 26.68 12.04
C CYS B 23 19.14 27.30 13.20
N ALA B 24 18.31 28.31 12.89
CA ALA B 24 17.52 29.01 13.90
C ALA B 24 16.06 28.59 13.78
N ALA B 25 15.47 28.23 14.91
CA ALA B 25 14.08 27.79 14.98
C ALA B 25 13.20 28.90 15.53
N SER B 26 11.97 28.94 15.04
CA SER B 26 10.98 29.93 15.49
C SER B 26 9.63 29.25 15.63
N GLY B 27 8.99 29.44 16.77
CA GLY B 27 7.69 28.86 17.05
C GLY B 27 7.70 27.75 18.08
N PHE B 28 8.88 27.25 18.47
CA PHE B 28 8.99 26.19 19.45
C PHE B 28 10.35 26.29 20.13
N ASN B 29 10.60 25.35 21.05
CA ASN B 29 11.86 25.30 21.78
C ASN B 29 12.67 24.09 21.32
N VAL B 30 13.98 24.29 21.18
CA VAL B 30 14.84 23.22 20.69
C VAL B 30 15.06 22.13 21.74
N ARG B 31 14.76 22.41 23.00
CA ARG B 31 14.95 21.42 24.05
C ARG B 31 13.87 20.35 24.06
N SER B 32 12.82 20.50 23.26
CA SER B 32 11.73 19.53 23.19
C SER B 32 11.71 18.75 21.88
N PHE B 33 12.61 19.05 20.94
CA PHE B 33 12.63 18.37 19.66
C PHE B 33 14.07 18.21 19.20
N SER B 34 14.41 17.02 18.73
CA SER B 34 15.75 16.76 18.20
C SER B 34 15.93 17.45 16.86
N ILE B 35 17.14 17.95 16.63
CA ILE B 35 17.46 18.72 15.43
C ILE B 35 18.26 17.83 14.48
N HIS B 36 17.80 17.75 13.23
CA HIS B 36 18.44 16.94 12.21
C HIS B 36 18.90 17.81 11.05
N TRP B 37 20.07 17.47 10.52
CA TRP B 37 20.65 18.13 9.35
C TRP B 37 20.73 17.10 8.23
N VAL B 38 20.07 17.41 7.11
CA VAL B 38 20.05 16.54 5.94
C VAL B 38 20.77 17.24 4.81
N ARG B 39 21.46 16.46 3.98
CA ARG B 39 22.18 16.99 2.82
C ARG B 39 21.62 16.40 1.55
N GLN B 40 21.56 17.21 0.50
CA GLN B 40 21.06 16.78 -0.81
C GLN B 40 22.02 17.28 -1.88
N ALA B 41 22.57 16.35 -2.65
CA ALA B 41 23.48 16.70 -3.72
C ALA B 41 22.71 17.09 -4.98
N PRO B 42 23.27 17.99 -5.79
CA PRO B 42 22.58 18.37 -7.04
C PRO B 42 22.51 17.19 -8.00
N GLY B 43 21.29 16.88 -8.44
CA GLY B 43 21.09 15.74 -9.31
C GLY B 43 21.07 14.40 -8.58
N LYS B 44 20.59 14.40 -7.33
CA LYS B 44 20.53 13.18 -6.53
C LYS B 44 19.40 13.33 -5.52
N GLY B 45 19.35 12.43 -4.55
CA GLY B 45 18.32 12.43 -3.53
C GLY B 45 18.79 13.01 -2.22
N LEU B 46 18.00 12.77 -1.19
CA LEU B 46 18.30 13.25 0.16
C LEU B 46 19.22 12.28 0.88
N GLU B 47 19.91 12.80 1.89
CA GLU B 47 20.83 11.98 2.69
C GLU B 47 20.99 12.61 4.06
N TRP B 48 20.56 11.90 5.10
CA TRP B 48 20.73 12.38 6.46
C TRP B 48 22.21 12.43 6.82
N VAL B 49 22.65 13.53 7.40
CA VAL B 49 24.06 13.73 7.71
C VAL B 49 24.33 14.02 9.18
N ALA B 50 23.36 14.55 9.93
CA ALA B 50 23.64 14.85 11.34
C ALA B 50 22.36 14.83 12.14
N TYR B 51 22.50 14.49 13.42
CA TYR B 51 21.38 14.49 14.36
C TYR B 51 21.90 14.87 15.74
N ILE B 52 21.12 15.66 16.46
CA ILE B 52 21.44 16.04 17.84
C ILE B 52 20.14 16.05 18.65
N SER B 53 20.24 15.66 19.92
CA SER B 53 19.13 15.68 20.85
C SER B 53 19.51 16.58 22.02
N SER B 54 18.98 17.80 22.01
CA SER B 54 19.31 18.78 23.05
C SER B 54 18.72 18.43 24.41
N SER B 55 17.81 17.45 24.48
CA SER B 55 17.25 17.05 25.76
C SER B 55 18.28 16.29 26.60
N SER B 56 19.06 15.42 25.98
CA SER B 56 20.08 14.65 26.67
C SER B 56 21.50 15.00 26.27
N GLY B 57 21.71 15.50 25.05
CA GLY B 57 23.03 15.86 24.59
C GLY B 57 23.68 14.87 23.65
N SER B 58 22.94 13.87 23.17
CA SER B 58 23.51 12.88 22.27
C SER B 58 23.63 13.44 20.86
N THR B 59 24.69 13.03 20.17
CA THR B 59 24.93 13.45 18.79
C THR B 59 25.23 12.22 17.94
N SER B 60 24.97 12.35 16.64
CA SER B 60 25.23 11.27 15.70
C SER B 60 25.44 11.87 14.32
N TYR B 61 26.25 11.19 13.52
CA TYR B 61 26.57 11.62 12.17
C TYR B 61 26.51 10.44 11.23
N ALA B 62 26.63 10.72 9.93
CA ALA B 62 26.66 9.66 8.94
C ALA B 62 28.02 8.97 8.95
N ASP B 63 28.02 7.70 8.52
CA ASP B 63 29.25 6.92 8.55
C ASP B 63 30.32 7.49 7.64
N SER B 64 29.91 8.18 6.57
CA SER B 64 30.88 8.76 5.65
C SER B 64 31.47 10.06 6.18
N VAL B 65 30.79 10.71 7.12
CA VAL B 65 31.23 12.00 7.64
C VAL B 65 31.74 11.91 9.07
N LYS B 66 31.95 10.71 9.60
CA LYS B 66 32.45 10.57 10.96
C LYS B 66 33.87 11.12 11.07
N GLY B 67 34.10 11.94 12.09
CA GLY B 67 35.40 12.51 12.34
C GLY B 67 35.67 13.85 11.69
N ARG B 68 34.71 14.40 10.96
CA ARG B 68 34.89 15.68 10.29
C ARG B 68 33.84 16.72 10.64
N PHE B 69 32.65 16.30 11.05
CA PHE B 69 31.57 17.23 11.41
C PHE B 69 31.37 17.24 12.91
N THR B 70 30.96 18.39 13.42
CA THR B 70 30.69 18.57 14.85
C THR B 70 29.44 19.40 15.02
N ILE B 71 28.40 18.81 15.60
CA ILE B 71 27.11 19.47 15.77
C ILE B 71 26.93 19.83 17.24
N SER B 72 26.27 20.97 17.48
CA SER B 72 25.99 21.41 18.83
C SER B 72 24.71 22.23 18.81
N ALA B 73 24.11 22.40 19.99
CA ALA B 73 22.86 23.14 20.13
C ALA B 73 22.98 24.11 21.29
N ASP B 74 22.43 25.31 21.10
CA ASP B 74 22.42 26.35 22.12
C ASP B 74 20.98 26.64 22.49
N THR B 75 20.62 26.33 23.74
CA THR B 75 19.26 26.58 24.21
C THR B 75 19.05 28.03 24.61
N SER B 76 20.12 28.72 25.02
CA SER B 76 20.00 30.14 25.35
C SER B 76 19.60 30.96 24.13
N LYS B 77 20.18 30.65 22.97
CA LYS B 77 19.79 31.27 21.72
C LYS B 77 18.78 30.44 20.93
N ASN B 78 18.52 29.21 21.36
CA ASN B 78 17.56 28.32 20.70
C ASN B 78 17.91 28.12 19.23
N THR B 79 19.08 27.53 18.99
CA THR B 79 19.55 27.30 17.63
C THR B 79 20.54 26.14 17.63
N ALA B 80 20.99 25.78 16.44
CA ALA B 80 21.95 24.70 16.24
C ALA B 80 23.10 25.18 15.38
N TYR B 81 24.31 24.71 15.69
CA TYR B 81 25.52 25.09 14.95
C TYR B 81 26.26 23.83 14.53
N LEU B 82 26.61 23.75 13.26
CA LEU B 82 27.35 22.63 12.70
C LEU B 82 28.66 23.13 12.11
N GLN B 83 29.77 22.58 12.59
CA GLN B 83 31.11 22.90 12.11
C GLN B 83 31.61 21.77 11.22
N MET B 84 32.11 22.14 10.05
CA MET B 84 32.58 21.18 9.05
C MET B 84 34.04 21.48 8.74
N ASN B 85 34.92 20.54 9.10
CA ASN B 85 36.35 20.66 8.86
C ASN B 85 36.79 19.64 7.83
N SER B 86 37.85 20.00 7.09
CA SER B 86 38.44 19.13 6.07
C SER B 86 37.40 18.71 5.03
N LEU B 87 36.86 19.70 4.33
CA LEU B 87 35.84 19.44 3.32
C LEU B 87 36.48 18.86 2.05
N ARG B 88 35.66 18.20 1.26
CA ARG B 88 36.07 17.58 0.00
C ARG B 88 35.21 18.10 -1.14
N ALA B 89 35.49 17.60 -2.35
CA ALA B 89 34.79 18.08 -3.53
C ALA B 89 33.33 17.62 -3.57
N GLU B 90 33.03 16.49 -2.94
CA GLU B 90 31.67 15.97 -2.95
C GLU B 90 30.74 16.69 -1.98
N ASP B 91 31.25 17.66 -1.22
CA ASP B 91 30.43 18.38 -0.25
C ASP B 91 29.58 19.47 -0.87
N THR B 92 29.70 19.71 -2.18
CA THR B 92 28.85 20.70 -2.85
C THR B 92 27.41 20.20 -2.86
N ALA B 93 26.57 20.77 -2.02
CA ALA B 93 25.22 20.26 -1.84
C ALA B 93 24.35 21.35 -1.21
N VAL B 94 23.15 20.96 -0.78
CA VAL B 94 22.22 21.84 -0.08
C VAL B 94 21.88 21.19 1.25
N TYR B 95 21.97 21.97 2.32
CA TYR B 95 21.72 21.49 3.68
C TYR B 95 20.36 21.99 4.15
N TYR B 96 19.55 21.09 4.68
CA TYR B 96 18.26 21.40 5.26
C TYR B 96 18.23 21.03 6.74
N CYS B 97 17.48 21.81 7.50
CA CYS B 97 17.33 21.63 8.94
C CYS B 97 15.89 21.22 9.26
N ALA B 98 15.75 20.25 10.15
CA ALA B 98 14.43 19.73 10.47
C ALA B 98 14.38 19.35 11.95
N ARG B 99 13.17 19.09 12.43
CA ARG B 99 12.94 18.72 13.82
C ARG B 99 12.22 17.37 13.88
N TRP B 100 12.46 16.64 14.96
CA TRP B 100 11.84 15.34 15.18
C TRP B 100 11.47 15.20 16.65
N GLY B 101 10.23 14.80 16.91
CA GLY B 101 9.77 14.67 18.27
C GLY B 101 10.36 13.46 18.97
N TYR B 102 10.39 13.53 20.30
CA TYR B 102 10.94 12.44 21.11
C TYR B 102 9.89 11.36 21.34
N TRP B 103 10.36 10.12 21.50
CA TRP B 103 9.47 9.03 21.81
C TRP B 103 9.15 9.02 23.31
N PRO B 104 7.89 8.76 23.69
CA PRO B 104 6.76 8.51 22.79
C PRO B 104 5.97 9.77 22.45
N GLY B 105 4.87 9.60 21.73
CA GLY B 105 4.00 10.70 21.38
C GLY B 105 3.68 10.69 19.89
N GLU B 106 2.81 11.63 19.51
CA GLU B 106 2.36 11.80 18.13
C GLU B 106 3.42 12.50 17.27
N PRO B 107 4.07 13.57 17.73
CA PRO B 107 5.11 14.19 16.91
C PRO B 107 6.28 13.28 16.58
N TRP B 108 6.47 12.19 17.33
CA TRP B 108 7.55 11.26 17.01
C TRP B 108 7.30 10.56 15.69
N TRP B 109 6.08 10.06 15.48
CA TRP B 109 5.76 9.40 14.21
C TRP B 109 5.75 10.39 13.05
N LYS B 110 5.49 11.67 13.34
CA LYS B 110 5.50 12.72 12.32
C LYS B 110 6.95 13.17 12.13
N ALA B 111 7.72 12.31 11.46
CA ALA B 111 9.14 12.57 11.25
C ALA B 111 9.33 13.62 10.17
N PHE B 112 10.10 14.67 10.50
CA PHE B 112 10.42 15.76 9.57
C PHE B 112 9.15 16.41 9.03
N ASP B 113 8.31 16.89 9.96
CA ASP B 113 7.06 17.53 9.56
C ASP B 113 7.30 18.91 8.98
N TYR B 114 8.36 19.60 9.42
CA TYR B 114 8.69 20.93 8.92
C TYR B 114 10.12 20.92 8.40
N TRP B 115 10.30 21.30 7.14
CA TRP B 115 11.61 21.37 6.51
C TRP B 115 12.02 22.82 6.32
N GLY B 116 13.29 23.11 6.61
CA GLY B 116 13.81 24.45 6.42
C GLY B 116 14.09 24.77 4.97
N GLN B 117 14.48 26.02 4.73
CA GLN B 117 14.76 26.46 3.37
C GLN B 117 16.05 25.84 2.83
N GLY B 118 17.02 25.61 3.71
CA GLY B 118 18.28 25.02 3.28
C GLY B 118 19.21 26.04 2.66
N THR B 119 20.50 25.78 2.79
CA THR B 119 21.53 26.66 2.25
C THR B 119 22.49 25.86 1.36
N LEU B 120 23.06 26.55 0.38
CA LEU B 120 23.94 25.92 -0.60
C LEU B 120 25.39 26.03 -0.15
N VAL B 121 26.12 24.92 -0.27
CA VAL B 121 27.54 24.87 0.05
C VAL B 121 28.29 24.37 -1.19
N THR B 122 29.35 25.09 -1.56
CA THR B 122 30.16 24.76 -2.73
C THR B 122 31.62 24.73 -2.32
N VAL B 123 32.25 23.57 -2.47
CA VAL B 123 33.65 23.38 -2.11
C VAL B 123 34.42 23.18 -3.42
N SER B 124 35.12 24.22 -3.87
CA SER B 124 35.89 24.16 -5.10
C SER B 124 37.07 25.11 -4.98
N SER B 125 38.23 24.67 -5.46
CA SER B 125 39.45 25.45 -5.43
C SER B 125 39.66 26.09 -6.80
N ALA B 126 39.12 27.28 -6.99
CA ALA B 126 39.25 28.00 -8.25
C ALA B 126 38.98 29.48 -8.00
N SER B 127 39.40 30.30 -8.96
CA SER B 127 39.23 31.75 -8.89
C SER B 127 38.06 32.18 -9.76
N THR B 128 37.46 33.32 -9.39
CA THR B 128 36.34 33.85 -10.16
C THR B 128 36.80 34.34 -11.52
N LYS B 129 36.02 34.02 -12.55
CA LYS B 129 36.34 34.41 -13.91
C LYS B 129 35.07 34.92 -14.60
N GLY B 130 35.23 35.93 -15.43
CA GLY B 130 34.12 36.52 -16.15
C GLY B 130 33.52 35.56 -17.16
N PRO B 131 32.25 35.76 -17.48
CA PRO B 131 31.57 34.85 -18.43
C PRO B 131 32.04 35.06 -19.86
N SER B 132 32.78 34.08 -20.40
CA SER B 132 33.25 34.14 -21.78
C SER B 132 32.12 33.70 -22.71
N VAL B 133 31.52 34.65 -23.41
CA VAL B 133 30.39 34.39 -24.30
C VAL B 133 30.92 34.07 -25.68
N PHE B 134 30.52 32.92 -26.23
CA PHE B 134 30.91 32.50 -27.56
C PHE B 134 29.67 32.32 -28.42
N PRO B 135 29.50 33.07 -29.50
CA PRO B 135 28.29 32.93 -30.33
C PRO B 135 28.32 31.66 -31.16
N LEU B 136 27.15 31.08 -31.36
CA LEU B 136 26.96 29.88 -32.17
C LEU B 136 26.16 30.24 -33.40
N ALA B 137 26.78 30.12 -34.58
CA ALA B 137 26.14 30.49 -35.83
C ALA B 137 25.64 29.26 -36.56
N PRO B 138 24.43 29.29 -37.11
CA PRO B 138 23.92 28.14 -37.86
C PRO B 138 24.61 28.01 -39.21
N SER B 139 24.32 26.90 -39.88
CA SER B 139 24.90 26.62 -41.19
C SER B 139 24.36 27.60 -42.23
N SER B 140 25.13 27.76 -43.31
CA SER B 140 24.71 28.66 -44.38
C SER B 140 23.54 28.11 -45.17
N LYS B 141 23.40 26.78 -45.23
CA LYS B 141 22.29 26.19 -45.96
C LYS B 141 20.95 26.44 -45.27
N SER B 142 20.96 26.63 -43.96
CA SER B 142 19.73 26.87 -43.22
C SER B 142 19.64 28.33 -42.77
N GLY B 146 13.23 27.46 -43.65
CA GLY B 146 12.25 27.08 -42.65
C GLY B 146 12.67 27.43 -41.23
N THR B 147 12.73 26.42 -40.37
CA THR B 147 13.13 26.66 -38.99
C THR B 147 14.62 26.93 -38.90
N ALA B 148 15.01 27.77 -37.93
CA ALA B 148 16.40 28.11 -37.71
C ALA B 148 16.68 28.11 -36.21
N ALA B 149 17.95 27.89 -35.86
CA ALA B 149 18.37 27.84 -34.47
C ALA B 149 19.65 28.65 -34.30
N LEU B 150 19.64 29.55 -33.31
CA LEU B 150 20.79 30.36 -32.96
C LEU B 150 21.05 30.23 -31.47
N GLY B 151 22.32 30.34 -31.09
CA GLY B 151 22.69 30.19 -29.70
C GLY B 151 23.95 30.97 -29.36
N CYS B 152 24.16 31.16 -28.07
CA CYS B 152 25.35 31.80 -27.53
C CYS B 152 25.87 30.96 -26.38
N LEU B 153 27.13 30.54 -26.47
CA LEU B 153 27.74 29.62 -25.52
C LEU B 153 28.56 30.40 -24.51
N VAL B 154 28.28 30.20 -23.23
CA VAL B 154 29.00 30.83 -22.14
C VAL B 154 29.82 29.76 -21.43
N LYS B 155 31.13 30.00 -21.33
CA LYS B 155 32.05 29.05 -20.70
C LYS B 155 33.00 29.79 -19.79
N ASP B 156 33.67 29.02 -18.92
CA ASP B 156 34.72 29.52 -18.04
C ASP B 156 34.21 30.59 -17.09
N TYR B 157 33.10 30.32 -16.42
CA TYR B 157 32.55 31.18 -15.39
C TYR B 157 32.48 30.41 -14.08
N PHE B 158 33.06 30.97 -13.03
CA PHE B 158 33.14 30.29 -11.73
C PHE B 158 31.84 30.38 -10.94
N PRO B 159 31.21 31.56 -10.78
CA PRO B 159 29.96 31.62 -10.00
C PRO B 159 28.86 30.80 -10.64
N GLU B 160 28.06 30.16 -9.80
CA GLU B 160 26.99 29.29 -10.31
C GLU B 160 25.85 30.05 -10.98
N PRO B 161 25.24 31.09 -10.36
CA PRO B 161 24.11 31.75 -11.02
C PRO B 161 24.51 32.64 -12.18
N VAL B 162 23.92 32.41 -13.34
CA VAL B 162 24.14 33.22 -14.53
C VAL B 162 22.84 33.31 -15.32
N THR B 163 22.54 34.50 -15.84
CA THR B 163 21.32 34.76 -16.58
C THR B 163 21.65 35.12 -18.01
N VAL B 164 21.00 34.45 -18.96
CA VAL B 164 21.18 34.70 -20.39
C VAL B 164 19.83 35.08 -20.98
N SER B 165 19.80 36.20 -21.70
CA SER B 165 18.57 36.70 -22.31
C SER B 165 18.83 37.08 -23.76
N TRP B 166 17.79 36.94 -24.58
CA TRP B 166 17.86 37.27 -26.00
C TRP B 166 17.03 38.52 -26.27
N ASN B 167 17.63 39.46 -27.00
CA ASN B 167 16.96 40.71 -27.38
C ASN B 167 16.46 41.48 -26.16
N SER B 168 17.25 41.44 -25.08
CA SER B 168 16.93 42.11 -23.83
C SER B 168 15.57 41.67 -23.28
N GLY B 169 15.28 40.38 -23.42
CA GLY B 169 14.03 39.82 -22.94
C GLY B 169 12.85 39.94 -23.87
N ALA B 170 13.01 40.63 -25.02
CA ALA B 170 11.89 40.77 -25.95
C ALA B 170 11.60 39.44 -26.66
N LEU B 171 12.63 38.76 -27.13
CA LEU B 171 12.47 37.48 -27.81
C LEU B 171 12.53 36.38 -26.76
N THR B 172 11.36 35.90 -26.33
CA THR B 172 11.26 34.86 -25.32
C THR B 172 10.52 33.63 -25.83
N SER B 173 10.26 33.54 -27.13
CA SER B 173 9.57 32.41 -27.73
C SER B 173 10.60 31.41 -28.25
N GLY B 174 10.52 30.18 -27.77
CA GLY B 174 11.46 29.15 -28.17
C GLY B 174 12.82 29.23 -27.53
N VAL B 175 12.99 30.04 -26.49
CA VAL B 175 14.27 30.21 -25.81
C VAL B 175 14.36 29.15 -24.71
N HIS B 176 15.38 28.31 -24.78
CA HIS B 176 15.61 27.26 -23.81
C HIS B 176 16.98 27.44 -23.17
N THR B 177 17.01 27.48 -21.84
CA THR B 177 18.23 27.64 -21.08
C THR B 177 18.60 26.32 -20.42
N PHE B 178 19.81 25.83 -20.71
CA PHE B 178 20.25 24.55 -20.18
C PHE B 178 20.91 24.74 -18.81
N PRO B 179 20.74 23.78 -17.91
CA PRO B 179 21.37 23.88 -16.58
C PRO B 179 22.89 23.85 -16.68
N ALA B 180 23.54 24.39 -15.66
CA ALA B 180 24.99 24.43 -15.62
C ALA B 180 25.57 23.04 -15.43
N VAL B 181 26.74 22.82 -16.03
CA VAL B 181 27.44 21.54 -15.94
C VAL B 181 28.88 21.82 -15.50
N LEU B 182 29.35 21.06 -14.52
CA LEU B 182 30.70 21.23 -13.98
C LEU B 182 31.70 20.51 -14.87
N GLN B 183 32.66 21.25 -15.42
CA GLN B 183 33.69 20.67 -16.26
C GLN B 183 34.79 20.05 -15.41
N SER B 184 35.79 19.47 -16.09
CA SER B 184 36.90 18.86 -15.38
C SER B 184 37.80 19.90 -14.73
N SER B 185 37.94 21.07 -15.35
CA SER B 185 38.78 22.13 -14.79
C SER B 185 38.17 22.80 -13.58
N GLY B 186 36.89 22.58 -13.30
CA GLY B 186 36.23 23.20 -12.17
C GLY B 186 35.38 24.40 -12.49
N LEU B 187 35.24 24.75 -13.77
CA LEU B 187 34.44 25.90 -14.20
C LEU B 187 33.17 25.40 -14.87
N TYR B 188 32.03 26.02 -14.51
CA TYR B 188 30.76 25.59 -15.05
C TYR B 188 30.62 26.02 -16.51
N SER B 189 29.64 25.41 -17.19
CA SER B 189 29.34 25.73 -18.58
C SER B 189 27.83 25.81 -18.75
N LEU B 190 27.40 26.68 -19.67
CA LEU B 190 25.98 26.88 -19.92
C LEU B 190 25.79 27.35 -21.35
N SER B 191 24.67 26.94 -21.93
CA SER B 191 24.32 27.32 -23.30
C SER B 191 22.83 27.65 -23.36
N SER B 192 22.47 28.50 -24.31
CA SER B 192 21.09 28.89 -24.53
C SER B 192 20.80 28.96 -26.02
N VAL B 193 19.69 28.39 -26.43
CA VAL B 193 19.30 28.34 -27.83
C VAL B 193 17.92 28.96 -27.99
N VAL B 194 17.65 29.48 -29.18
CA VAL B 194 16.36 30.10 -29.51
C VAL B 194 15.98 29.68 -30.92
N THR B 195 14.73 29.26 -31.09
CA THR B 195 14.20 28.85 -32.39
C THR B 195 13.47 30.01 -33.03
N VAL B 196 13.87 30.38 -34.25
CA VAL B 196 13.25 31.49 -34.97
C VAL B 196 12.69 30.97 -36.28
N PRO B 197 11.60 31.55 -36.80
CA PRO B 197 11.00 31.14 -38.08
C PRO B 197 11.96 31.33 -39.25
N THR B 205 17.55 42.21 -35.74
CA THR B 205 18.82 41.76 -35.19
C THR B 205 18.60 40.86 -33.99
N TYR B 206 19.54 39.95 -33.75
CA TYR B 206 19.49 39.00 -32.64
C TYR B 206 20.69 39.25 -31.73
N ILE B 207 20.43 39.70 -30.50
CA ILE B 207 21.47 39.98 -29.53
C ILE B 207 21.20 39.16 -28.28
N CYS B 208 22.20 38.41 -27.84
CA CYS B 208 22.10 37.61 -26.63
C CYS B 208 22.83 38.33 -25.50
N ASN B 209 22.11 38.60 -24.42
CA ASN B 209 22.65 39.36 -23.29
C ASN B 209 22.87 38.41 -22.12
N VAL B 210 24.10 38.41 -21.60
CA VAL B 210 24.48 37.58 -20.47
C VAL B 210 24.82 38.50 -19.31
N ASN B 211 23.93 38.57 -18.32
CA ASN B 211 24.10 39.42 -17.15
C ASN B 211 24.59 38.56 -16.00
N HIS B 212 25.84 38.76 -15.58
CA HIS B 212 26.46 38.00 -14.50
C HIS B 212 26.52 38.90 -13.28
N LYS B 213 25.70 38.59 -12.27
CA LYS B 213 25.65 39.44 -11.08
C LYS B 213 26.88 39.29 -10.19
N PRO B 214 27.33 38.07 -9.84
CA PRO B 214 28.51 37.99 -8.96
C PRO B 214 29.77 38.56 -9.57
N SER B 215 29.98 38.36 -10.88
CA SER B 215 31.18 38.88 -11.53
C SER B 215 31.03 40.33 -11.97
N ASN B 216 29.80 40.84 -12.06
CA ASN B 216 29.53 42.21 -12.47
C ASN B 216 30.14 42.50 -13.85
N THR B 217 30.06 41.52 -14.75
CA THR B 217 30.60 41.63 -16.10
C THR B 217 29.49 41.38 -17.11
N LYS B 218 29.30 42.34 -18.01
CA LYS B 218 28.28 42.25 -19.06
C LYS B 218 28.97 42.10 -20.41
N VAL B 219 28.75 40.95 -21.05
CA VAL B 219 29.35 40.64 -22.35
C VAL B 219 28.23 40.45 -23.36
N ASP B 220 28.39 41.05 -24.54
CA ASP B 220 27.42 40.94 -25.62
C ASP B 220 28.13 40.48 -26.88
N LYS B 221 27.36 39.84 -27.77
CA LYS B 221 27.89 39.32 -29.02
C LYS B 221 26.82 39.38 -30.09
N LYS B 222 27.27 39.51 -31.34
CA LYS B 222 26.38 39.57 -32.50
C LYS B 222 26.50 38.27 -33.28
N VAL B 223 25.37 37.61 -33.51
CA VAL B 223 25.33 36.34 -34.22
C VAL B 223 24.84 36.59 -35.64
N GLU B 224 25.58 36.08 -36.62
CA GLU B 224 25.23 36.21 -38.03
C GLU B 224 25.27 34.84 -38.68
N PRO B 225 24.40 34.60 -39.67
CA PRO B 225 24.42 33.31 -40.37
C PRO B 225 25.72 33.11 -41.12
N LYS B 226 26.18 31.86 -41.16
CA LYS B 226 27.43 31.53 -41.83
C LYS B 226 27.26 31.55 -43.35
N GLN C 3 18.82 -11.49 -34.84
CA GLN C 3 18.69 -12.94 -34.68
C GLN C 3 17.26 -13.33 -34.35
N VAL C 4 16.61 -12.54 -33.48
CA VAL C 4 15.24 -12.82 -33.09
C VAL C 4 14.31 -12.51 -34.24
N GLN C 5 13.46 -13.47 -34.59
CA GLN C 5 12.50 -13.32 -35.68
C GLN C 5 11.21 -12.70 -35.15
N LEU C 6 10.78 -11.61 -35.79
CA LEU C 6 9.59 -10.89 -35.39
C LEU C 6 8.56 -10.95 -36.51
N GLN C 7 7.34 -11.38 -36.16
CA GLN C 7 6.26 -11.47 -37.13
C GLN C 7 4.94 -11.25 -36.41
N GLU C 8 4.01 -10.61 -37.10
CA GLU C 8 2.69 -10.30 -36.54
C GLU C 8 1.62 -10.78 -37.49
N SER C 9 0.52 -11.27 -36.92
CA SER C 9 -0.60 -11.77 -37.71
C SER C 9 -1.65 -10.67 -37.88
N GLY C 10 -2.65 -10.97 -38.72
CA GLY C 10 -3.71 -10.03 -38.99
C GLY C 10 -3.32 -9.01 -40.05
N GLY C 11 -4.32 -8.22 -40.45
CA GLY C 11 -4.11 -7.20 -41.46
C GLY C 11 -5.13 -7.26 -42.58
N GLY C 12 -4.72 -6.81 -43.77
CA GLY C 12 -5.61 -6.82 -44.91
C GLY C 12 -6.36 -5.52 -45.10
N LEU C 13 -7.58 -5.60 -45.65
CA LEU C 13 -8.41 -4.43 -45.87
C LEU C 13 -9.44 -4.29 -44.75
N VAL C 14 -9.48 -3.12 -44.13
CA VAL C 14 -10.38 -2.84 -43.04
C VAL C 14 -11.28 -1.67 -43.43
N GLN C 15 -12.40 -1.53 -42.72
CA GLN C 15 -13.36 -0.48 -42.95
C GLN C 15 -13.26 0.60 -41.87
N PRO C 16 -13.58 1.85 -42.20
CA PRO C 16 -13.53 2.91 -41.18
C PRO C 16 -14.48 2.63 -40.04
N GLY C 17 -13.97 2.74 -38.81
CA GLY C 17 -14.74 2.46 -37.62
C GLY C 17 -14.70 1.04 -37.13
N GLY C 18 -13.91 0.18 -37.78
CA GLY C 18 -13.80 -1.21 -37.37
C GLY C 18 -12.78 -1.43 -36.27
N SER C 19 -12.08 -2.56 -36.32
CA SER C 19 -11.07 -2.87 -35.31
C SER C 19 -10.07 -3.85 -35.92
N LEU C 20 -8.84 -3.80 -35.40
CA LEU C 20 -7.78 -4.68 -35.88
C LEU C 20 -6.83 -4.95 -34.72
N ARG C 21 -6.67 -6.22 -34.36
CA ARG C 21 -5.83 -6.63 -33.24
C ARG C 21 -4.56 -7.28 -33.80
N LEU C 22 -3.49 -6.49 -33.86
CA LEU C 22 -2.19 -7.00 -34.29
C LEU C 22 -1.40 -7.46 -33.07
N SER C 23 -0.65 -8.54 -33.24
CA SER C 23 0.14 -9.14 -32.16
C SER C 23 1.54 -9.46 -32.69
N CYS C 24 2.49 -8.58 -32.40
CA CYS C 24 3.87 -8.80 -32.80
C CYS C 24 4.55 -9.76 -31.84
N ALA C 25 5.49 -10.55 -32.37
CA ALA C 25 6.22 -11.52 -31.57
C ALA C 25 7.60 -11.77 -32.15
N ILE C 31 11.80 -9.21 -24.71
CA ILE C 31 10.35 -9.03 -24.71
C ILE C 31 9.90 -8.39 -23.40
N SER C 32 10.15 -9.08 -22.30
CA SER C 32 9.75 -8.56 -20.99
C SER C 32 10.66 -7.42 -20.56
N ARG C 33 11.98 -7.66 -20.55
CA ARG C 33 12.92 -6.63 -20.14
C ARG C 33 13.11 -5.56 -21.21
N TYR C 34 12.88 -5.89 -22.47
CA TYR C 34 13.04 -4.95 -23.56
C TYR C 34 11.73 -4.22 -23.84
N ALA C 35 11.76 -3.30 -24.80
CA ALA C 35 10.60 -2.51 -25.18
C ALA C 35 10.26 -2.76 -26.63
N MET C 36 8.96 -2.74 -26.93
CA MET C 36 8.45 -2.94 -28.28
C MET C 36 7.97 -1.61 -28.85
N SER C 37 8.05 -1.48 -30.17
CA SER C 37 7.65 -0.26 -30.85
C SER C 37 7.05 -0.59 -32.21
N TRP C 38 6.10 0.24 -32.63
CA TRP C 38 5.46 0.10 -33.92
C TRP C 38 5.77 1.31 -34.79
N PHE C 39 5.91 1.06 -36.09
CA PHE C 39 6.21 2.12 -37.05
C PHE C 39 5.31 1.97 -38.27
N ARG C 40 5.00 3.10 -38.89
CA ARG C 40 4.11 3.14 -40.05
C ARG C 40 4.84 3.77 -41.22
N GLN C 41 4.85 3.09 -42.36
CA GLN C 41 5.52 3.59 -43.55
C GLN C 41 4.66 3.36 -44.79
N GLU C 48 7.05 6.34 -40.06
CA GLU C 48 6.47 7.20 -39.03
C GLU C 48 6.21 6.41 -37.76
N PHE C 49 6.54 7.02 -36.62
CA PHE C 49 6.36 6.36 -35.33
C PHE C 49 4.88 6.20 -35.02
N VAL C 50 4.54 5.09 -34.36
CA VAL C 50 3.16 4.79 -34.02
C VAL C 50 2.99 4.77 -32.50
N ALA C 51 3.64 3.81 -31.84
CA ALA C 51 3.47 3.65 -30.40
C ALA C 51 4.64 2.84 -29.86
N VAL C 52 4.80 2.88 -28.54
CA VAL C 52 5.87 2.16 -27.86
C VAL C 52 5.35 1.67 -26.52
N ALA C 53 5.70 0.43 -26.18
CA ALA C 53 5.35 -0.17 -24.90
C ALA C 53 6.63 -0.73 -24.28
N ARG C 54 6.99 -0.20 -23.11
CA ARG C 54 8.24 -0.58 -22.45
C ARG C 54 8.01 -1.65 -21.38
N ARG C 55 7.12 -1.40 -20.43
CA ARG C 55 6.85 -2.36 -19.37
C ARG C 55 5.35 -2.57 -19.20
N GLY C 57 5.68 -2.14 -15.10
CA GLY C 57 4.54 -1.33 -15.50
C GLY C 57 4.86 0.15 -15.59
N ASP C 58 5.65 0.52 -16.59
CA ASP C 58 6.05 1.91 -16.81
C ASP C 58 5.13 2.65 -17.76
N GLY C 59 4.11 1.98 -18.30
CA GLY C 59 3.19 2.62 -19.22
C GLY C 59 3.60 2.50 -20.67
N ALA C 60 2.79 3.11 -21.52
CA ALA C 60 3.02 3.11 -22.96
C ALA C 60 2.82 4.52 -23.51
N PHE C 61 3.46 4.79 -24.65
CA PHE C 61 3.39 6.09 -25.29
C PHE C 61 2.88 5.94 -26.72
N TYR C 62 2.22 6.98 -27.22
CA TYR C 62 1.65 6.99 -28.55
C TYR C 62 2.12 8.23 -29.30
N ALA C 63 1.89 8.22 -30.61
CA ALA C 63 2.28 9.34 -31.47
C ALA C 63 1.19 10.41 -31.46
N ASP C 64 1.27 11.35 -32.41
CA ASP C 64 0.31 12.44 -32.45
C ASP C 64 -1.08 11.94 -32.82
N SER C 65 -1.22 11.37 -34.01
CA SER C 65 -2.51 10.84 -34.44
C SER C 65 -2.82 9.49 -33.83
N VAL C 66 -1.83 8.83 -33.23
CA VAL C 66 -2.06 7.52 -32.63
C VAL C 66 -2.71 7.64 -31.26
N GLN C 67 -2.43 8.72 -30.53
CA GLN C 67 -3.02 8.91 -29.21
C GLN C 67 -4.53 9.02 -29.30
N GLY C 68 -5.22 8.18 -28.55
CA GLY C 68 -6.68 8.16 -28.51
C GLY C 68 -7.33 7.15 -29.45
N ARG C 69 -6.80 7.02 -30.66
CA ARG C 69 -7.38 6.10 -31.63
C ARG C 69 -6.89 4.67 -31.41
N PHE C 70 -5.58 4.48 -31.36
CA PHE C 70 -4.98 3.16 -31.20
C PHE C 70 -4.70 2.88 -29.73
N THR C 71 -4.42 1.60 -29.44
CA THR C 71 -4.11 1.17 -28.08
C THR C 71 -3.14 0.00 -28.14
N VAL C 72 -2.03 0.12 -27.43
CA VAL C 72 -1.02 -0.94 -27.40
C VAL C 72 -0.89 -1.49 -25.98
N TYR C 81 0.34 -5.90 -28.12
CA TYR C 81 -0.96 -6.05 -28.77
C TYR C 81 -1.52 -4.70 -29.19
N LEU C 82 -1.39 -4.38 -30.48
CA LEU C 82 -1.88 -3.12 -31.04
C LEU C 82 -3.35 -3.29 -31.41
N GLN C 83 -4.24 -2.63 -30.66
CA GLN C 83 -5.67 -2.70 -30.92
C GLN C 83 -6.09 -1.42 -31.65
N MET C 84 -5.89 -1.43 -32.97
CA MET C 84 -6.26 -0.30 -33.79
C MET C 84 -7.79 -0.19 -33.86
N ASN C 85 -8.32 0.97 -33.49
CA ASN C 85 -9.74 1.24 -33.52
C ASN C 85 -9.99 2.64 -34.04
N SER C 86 -11.19 2.85 -34.57
CA SER C 86 -11.59 4.14 -35.14
C SER C 86 -10.62 4.57 -36.23
N LEU C 87 -10.48 3.73 -37.25
CA LEU C 87 -9.52 3.98 -38.32
C LEU C 87 -9.96 5.16 -39.17
N LYS C 88 -8.99 5.71 -39.90
CA LYS C 88 -9.20 6.81 -40.83
C LYS C 88 -8.56 6.45 -42.16
N PRO C 89 -9.01 7.07 -43.26
CA PRO C 89 -8.45 6.70 -44.58
C PRO C 89 -6.97 6.99 -44.73
N GLU C 90 -6.38 7.73 -43.80
CA GLU C 90 -4.94 8.01 -43.88
C GLU C 90 -4.10 6.91 -43.24
N ASP C 91 -4.74 5.93 -42.59
CA ASP C 91 -3.98 4.92 -41.84
C ASP C 91 -3.38 3.87 -42.77
N THR C 92 -3.84 3.81 -44.02
CA THR C 92 -3.40 2.76 -44.93
C THR C 92 -1.90 2.90 -45.23
N ALA C 93 -1.12 1.95 -44.72
CA ALA C 93 0.32 1.91 -44.91
C ALA C 93 0.83 0.60 -44.31
N VAL C 94 2.14 0.37 -44.46
CA VAL C 94 2.76 -0.84 -43.91
C VAL C 94 3.12 -0.59 -42.45
N TYR C 95 2.74 -1.53 -41.59
CA TYR C 95 3.04 -1.46 -40.16
C TYR C 95 4.15 -2.45 -39.83
N TYR C 96 5.17 -1.98 -39.13
CA TYR C 96 6.32 -2.78 -38.76
C TYR C 96 6.35 -3.00 -37.24
N CYS C 97 7.39 -3.67 -36.79
CA CYS C 97 7.58 -3.97 -35.37
C CYS C 97 9.06 -3.99 -35.07
N ALA C 98 9.45 -3.33 -33.98
CA ALA C 98 10.86 -3.24 -33.60
C ALA C 98 11.00 -3.44 -32.10
N ILE C 99 12.18 -3.88 -31.69
CA ILE C 99 12.51 -4.11 -30.29
C ILE C 99 13.74 -3.29 -29.93
N ASP C 100 13.64 -2.53 -28.85
CA ASP C 100 14.74 -1.69 -28.38
C ASP C 100 15.79 -2.57 -27.71
N SER C 101 17.01 -2.56 -28.26
CA SER C 101 18.08 -3.39 -27.69
C SER C 101 18.58 -2.83 -26.38
N ASP C 102 18.69 -1.49 -26.29
CA ASP C 102 19.19 -0.87 -25.07
C ASP C 102 18.17 -1.03 -23.94
N THR C 103 18.68 -1.23 -22.73
CA THR C 103 17.83 -1.39 -21.54
C THR C 103 17.50 -0.07 -20.86
N PHE C 104 17.99 1.05 -21.39
CA PHE C 104 17.71 2.37 -20.83
C PHE C 104 16.74 3.17 -21.69
N TYR C 105 16.00 2.49 -22.57
CA TYR C 105 15.00 3.13 -23.43
C TYR C 105 15.63 4.21 -24.31
N SER C 106 16.84 3.94 -24.78
CA SER C 106 17.57 4.90 -25.61
C SER C 106 17.13 4.91 -27.07
N GLY C 107 16.13 4.11 -27.42
CA GLY C 107 15.66 4.07 -28.80
C GLY C 107 16.63 3.46 -29.78
N SER C 108 17.29 2.37 -29.40
CA SER C 108 18.24 1.67 -30.26
C SER C 108 17.51 0.47 -30.86
N TYR C 109 17.01 0.65 -32.09
CA TYR C 109 16.24 -0.37 -32.78
C TYR C 109 17.12 -1.03 -33.84
N ASP C 110 17.29 -2.35 -33.73
CA ASP C 110 18.07 -3.11 -34.69
C ASP C 110 17.35 -4.34 -35.24
N TYR C 111 16.40 -4.92 -34.50
CA TYR C 111 15.66 -6.09 -34.97
C TYR C 111 14.35 -5.62 -35.59
N TRP C 112 14.43 -5.29 -36.87
CA TRP C 112 13.27 -4.81 -37.62
C TRP C 112 12.55 -5.97 -38.28
N GLY C 113 11.25 -6.06 -38.05
CA GLY C 113 10.44 -7.12 -38.65
C GLY C 113 10.17 -6.87 -40.12
N GLN C 114 9.55 -7.87 -40.74
CA GLN C 114 9.24 -7.77 -42.17
C GLN C 114 8.09 -6.79 -42.42
N GLY C 115 7.08 -6.81 -41.56
CA GLY C 115 5.95 -5.90 -41.73
C GLY C 115 4.80 -6.55 -42.48
N THR C 116 3.60 -6.02 -42.24
CA THR C 116 2.38 -6.51 -42.86
C THR C 116 1.65 -5.36 -43.53
N GLN C 117 1.06 -5.65 -44.70
CA GLN C 117 0.32 -4.64 -45.44
C GLN C 117 -1.08 -4.48 -44.87
N VAL C 118 -1.45 -3.24 -44.53
CA VAL C 118 -2.77 -2.92 -44.00
C VAL C 118 -3.33 -1.75 -44.79
N THR C 119 -4.56 -1.90 -45.28
CA THR C 119 -5.23 -0.86 -46.04
C THR C 119 -6.56 -0.54 -45.38
N VAL C 120 -6.92 0.75 -45.37
CA VAL C 120 -8.16 1.22 -44.78
C VAL C 120 -9.04 1.75 -45.91
N SER C 121 -10.25 1.18 -46.02
CA SER C 121 -11.22 1.57 -47.04
C SER C 121 -10.63 1.45 -48.45
N ASP D 2 22.03 -0.85 9.36
CA ASP D 2 22.44 -0.36 8.06
C ASP D 2 21.41 -0.75 6.99
N ILE D 3 20.17 -0.30 7.20
CA ILE D 3 19.10 -0.59 6.26
C ILE D 3 19.25 0.30 5.03
N GLN D 4 19.14 -0.29 3.85
CA GLN D 4 19.26 0.42 2.58
C GLN D 4 17.90 0.41 1.90
N MET D 5 17.23 1.56 1.89
CA MET D 5 15.92 1.65 1.25
C MET D 5 16.07 1.68 -0.26
N THR D 6 15.34 0.79 -0.94
CA THR D 6 15.39 0.68 -2.39
C THR D 6 14.02 1.05 -2.95
N GLN D 7 14.00 2.07 -3.81
CA GLN D 7 12.77 2.55 -4.43
C GLN D 7 12.77 2.11 -5.90
N SER D 8 11.84 1.22 -6.24
CA SER D 8 11.81 0.69 -7.60
C SER D 8 11.34 1.72 -8.62
N PRO D 9 10.22 2.42 -8.43
CA PRO D 9 9.81 3.43 -9.42
C PRO D 9 10.80 4.59 -9.46
N SER D 10 11.42 4.78 -10.63
CA SER D 10 12.40 5.85 -10.82
C SER D 10 11.93 6.91 -11.81
N SER D 11 11.03 6.57 -12.72
CA SER D 11 10.54 7.54 -13.71
C SER D 11 9.19 7.05 -14.23
N LEU D 12 8.15 7.85 -14.02
CA LEU D 12 6.80 7.50 -14.47
C LEU D 12 6.14 8.73 -15.06
N SER D 13 5.43 8.55 -16.16
CA SER D 13 4.76 9.64 -16.86
C SER D 13 3.26 9.37 -16.87
N ALA D 14 2.48 10.39 -16.53
CA ALA D 14 1.03 10.28 -16.50
C ALA D 14 0.43 11.68 -16.65
N SER D 15 -0.88 11.74 -16.67
CA SER D 15 -1.63 12.99 -16.81
C SER D 15 -2.58 13.15 -15.63
N VAL D 16 -3.33 14.25 -15.65
CA VAL D 16 -4.28 14.52 -14.58
C VAL D 16 -5.41 13.49 -14.62
N GLY D 17 -5.89 13.10 -13.44
CA GLY D 17 -6.94 12.12 -13.32
C GLY D 17 -6.49 10.68 -13.27
N ASP D 18 -5.22 10.41 -13.57
CA ASP D 18 -4.69 9.06 -13.56
C ASP D 18 -4.24 8.65 -12.15
N ARG D 19 -4.13 7.35 -11.94
CA ARG D 19 -3.70 6.80 -10.66
C ARG D 19 -2.23 6.45 -10.73
N VAL D 20 -1.48 6.86 -9.71
CA VAL D 20 -0.04 6.64 -9.62
C VAL D 20 0.25 5.75 -8.43
N THR D 21 1.09 4.74 -8.62
CA THR D 21 1.47 3.81 -7.58
C THR D 21 2.99 3.79 -7.46
N ILE D 22 3.49 4.09 -6.27
CA ILE D 22 4.92 4.09 -5.99
C ILE D 22 5.20 3.05 -4.92
N THR D 23 6.26 2.27 -5.10
CA THR D 23 6.62 1.18 -4.20
C THR D 23 7.95 1.48 -3.52
N CYS D 24 7.99 1.27 -2.21
CA CYS D 24 9.20 1.44 -1.42
C CYS D 24 9.51 0.12 -0.72
N ARG D 25 10.76 -0.32 -0.84
CA ARG D 25 11.23 -1.58 -0.29
C ARG D 25 12.29 -1.31 0.76
N ALA D 26 12.17 -1.97 1.90
CA ALA D 26 13.13 -1.84 2.99
C ALA D 26 14.01 -3.09 3.06
N SER D 27 15.30 -2.88 3.28
CA SER D 27 16.22 -4.02 3.37
C SER D 27 15.94 -4.87 4.61
N GLN D 28 15.51 -4.23 5.70
CA GLN D 28 15.15 -4.92 6.93
C GLN D 28 13.70 -4.61 7.28
N SER D 29 13.13 -5.46 8.13
CA SER D 29 11.73 -5.28 8.52
C SER D 29 11.57 -4.03 9.38
N VAL D 30 10.67 -3.15 8.96
CA VAL D 30 10.31 -1.95 9.70
C VAL D 30 8.81 -1.95 9.91
N SER D 31 8.38 -1.73 11.15
CA SER D 31 6.95 -1.80 11.47
C SER D 31 6.16 -0.72 10.74
N SER D 32 6.39 0.54 11.10
CA SER D 32 5.66 1.64 10.46
C SER D 32 6.54 2.84 10.16
N ALA D 33 7.86 2.74 10.28
CA ALA D 33 8.76 3.88 10.10
C ALA D 33 9.08 4.08 8.62
N VAL D 34 8.06 4.46 7.86
CA VAL D 34 8.19 4.79 6.44
C VAL D 34 7.35 6.02 6.15
N ALA D 35 7.98 7.04 5.57
CA ALA D 35 7.32 8.30 5.27
C ALA D 35 7.61 8.70 3.82
N TRP D 36 6.65 9.41 3.23
CA TRP D 36 6.78 9.91 1.86
C TRP D 36 6.89 11.43 1.88
N TYR D 37 7.81 11.96 1.08
CA TYR D 37 8.05 13.39 1.01
C TYR D 37 7.98 13.86 -0.44
N GLN D 38 7.47 15.08 -0.63
CA GLN D 38 7.31 15.68 -1.94
C GLN D 38 8.19 16.92 -2.02
N GLN D 39 9.18 16.89 -2.92
CA GLN D 39 10.09 18.00 -3.11
C GLN D 39 9.92 18.55 -4.52
N LYS D 40 9.59 19.84 -4.60
CA LYS D 40 9.46 20.52 -5.88
C LYS D 40 10.81 21.05 -6.34
N PRO D 41 11.00 21.22 -7.64
CA PRO D 41 12.27 21.79 -8.14
C PRO D 41 12.46 23.22 -7.64
N GLY D 42 13.54 23.44 -6.91
CA GLY D 42 13.80 24.73 -6.33
C GLY D 42 12.97 25.05 -5.11
N LYS D 43 12.63 24.04 -4.31
CA LYS D 43 11.82 24.23 -3.12
C LYS D 43 12.15 23.15 -2.11
N ALA D 44 11.75 23.39 -0.85
CA ALA D 44 12.01 22.45 0.21
C ALA D 44 10.98 21.31 0.20
N PRO D 45 11.39 20.11 0.60
CA PRO D 45 10.44 18.98 0.64
C PRO D 45 9.35 19.21 1.68
N LYS D 46 8.31 18.39 1.59
CA LYS D 46 7.18 18.47 2.49
C LYS D 46 6.64 17.07 2.75
N LEU D 47 6.37 16.77 4.02
CA LEU D 47 5.87 15.45 4.41
C LEU D 47 4.43 15.28 3.94
N LEU D 48 4.16 14.15 3.28
CA LEU D 48 2.82 13.84 2.79
C LEU D 48 2.12 12.80 3.66
N ILE D 49 2.74 11.65 3.87
CA ILE D 49 2.15 10.56 4.64
C ILE D 49 3.13 10.14 5.72
N TYR D 50 2.64 10.07 6.96
CA TYR D 50 3.44 9.61 8.09
C TYR D 50 2.83 8.32 8.65
N SER D 51 3.70 7.44 9.12
CA SER D 51 3.35 6.11 9.65
C SER D 51 2.67 5.23 8.61
N ALA D 52 2.65 5.64 7.35
CA ALA D 52 2.09 4.91 6.21
C ALA D 52 0.59 4.65 6.32
N SER D 53 -0.07 5.13 7.39
CA SER D 53 -1.50 4.93 7.57
C SER D 53 -2.27 6.24 7.60
N SER D 54 -1.80 7.21 8.38
CA SER D 54 -2.48 8.49 8.52
C SER D 54 -2.01 9.46 7.45
N LEU D 55 -2.72 10.58 7.35
CA LEU D 55 -2.41 11.65 6.40
C LEU D 55 -1.95 12.89 7.17
N TYR D 56 -1.01 13.62 6.59
CA TYR D 56 -0.49 14.82 7.24
C TYR D 56 -1.56 15.91 7.28
N SER D 57 -1.52 16.72 8.33
CA SER D 57 -2.48 17.80 8.52
C SER D 57 -2.12 18.94 7.59
N GLY D 58 -2.81 19.04 6.46
CA GLY D 58 -2.56 20.10 5.51
C GLY D 58 -2.46 19.63 4.07
N VAL D 59 -1.95 18.40 3.88
CA VAL D 59 -1.79 17.84 2.55
C VAL D 59 -3.16 17.40 2.04
N PRO D 60 -3.38 17.40 0.72
CA PRO D 60 -4.67 16.93 0.19
C PRO D 60 -4.88 15.45 0.45
N SER D 61 -6.16 15.05 0.39
CA SER D 61 -6.55 13.67 0.63
C SER D 61 -6.33 12.77 -0.58
N ARG D 62 -5.75 13.29 -1.67
CA ARG D 62 -5.53 12.47 -2.85
C ARG D 62 -4.46 11.42 -2.62
N PHE D 63 -3.52 11.67 -1.71
CA PHE D 63 -2.45 10.74 -1.41
C PHE D 63 -2.90 9.75 -0.33
N SER D 64 -2.47 8.50 -0.48
CA SER D 64 -2.78 7.47 0.50
C SER D 64 -1.60 6.52 0.61
N GLY D 65 -1.52 5.86 1.76
CA GLY D 65 -0.44 4.93 2.02
C GLY D 65 -0.96 3.57 2.44
N SER D 66 -0.19 2.54 2.08
CA SER D 66 -0.56 1.17 2.40
C SER D 66 0.70 0.36 2.67
N ARG D 67 0.52 -0.74 3.39
CA ARG D 67 1.63 -1.61 3.77
C ARG D 67 1.26 -3.06 3.45
N SER D 68 2.25 -3.82 2.96
CA SER D 68 2.07 -5.24 2.70
C SER D 68 3.40 -5.92 2.97
N GLY D 69 3.47 -6.66 4.08
CA GLY D 69 4.71 -7.28 4.49
C GLY D 69 5.79 -6.25 4.79
N THR D 70 6.79 -6.16 3.93
CA THR D 70 7.84 -5.17 4.04
C THR D 70 7.84 -4.19 2.87
N ASP D 71 6.75 -4.13 2.11
CA ASP D 71 6.63 -3.27 0.95
C ASP D 71 5.59 -2.19 1.24
N PHE D 72 5.97 -0.93 1.05
CA PHE D 72 5.07 0.19 1.28
C PHE D 72 4.64 0.79 -0.05
N THR D 73 3.40 1.25 -0.11
CA THR D 73 2.79 1.72 -1.36
C THR D 73 2.19 3.10 -1.16
N LEU D 74 2.57 4.03 -2.03
CA LEU D 74 1.99 5.36 -2.08
C LEU D 74 1.08 5.44 -3.30
N THR D 75 -0.18 5.78 -3.07
CA THR D 75 -1.20 5.79 -4.11
C THR D 75 -1.75 7.21 -4.28
N ILE D 76 -1.74 7.69 -5.52
CA ILE D 76 -2.31 8.98 -5.88
C ILE D 76 -3.50 8.71 -6.79
N SER D 77 -4.70 9.10 -6.34
CA SER D 77 -5.92 8.82 -7.08
C SER D 77 -6.01 9.66 -8.35
N SER D 78 -5.89 10.97 -8.21
CA SER D 78 -6.02 11.89 -9.33
C SER D 78 -4.88 12.89 -9.31
N LEU D 79 -4.12 12.97 -10.40
CA LEU D 79 -3.03 13.92 -10.49
C LEU D 79 -3.56 15.32 -10.77
N GLN D 80 -2.76 16.31 -10.38
CA GLN D 80 -3.08 17.71 -10.56
C GLN D 80 -1.80 18.45 -10.95
N PRO D 81 -1.93 19.61 -11.61
CA PRO D 81 -0.73 20.37 -11.99
C PRO D 81 0.12 20.81 -10.80
N GLU D 82 -0.40 20.76 -9.59
CA GLU D 82 0.34 21.12 -8.39
C GLU D 82 0.96 19.92 -7.69
N ASP D 83 0.77 18.72 -8.22
CA ASP D 83 1.32 17.49 -7.64
C ASP D 83 2.46 16.92 -8.47
N PHE D 84 3.02 17.70 -9.40
CA PHE D 84 4.11 17.23 -10.25
C PHE D 84 5.42 17.63 -9.60
N ALA D 85 5.94 16.74 -8.75
CA ALA D 85 7.20 16.98 -8.05
C ALA D 85 7.84 15.63 -7.74
N THR D 86 9.07 15.69 -7.24
CA THR D 86 9.81 14.47 -6.93
C THR D 86 9.32 13.88 -5.62
N TYR D 87 9.22 12.55 -5.58
CA TYR D 87 8.76 11.82 -4.40
C TYR D 87 9.92 11.02 -3.81
N TYR D 88 10.05 11.06 -2.49
CA TYR D 88 11.12 10.38 -1.78
C TYR D 88 10.53 9.52 -0.66
N CYS D 89 11.13 8.35 -0.47
CA CYS D 89 10.79 7.44 0.63
C CYS D 89 11.87 7.51 1.69
N GLN D 90 11.45 7.59 2.95
CA GLN D 90 12.40 7.71 4.04
C GLN D 90 12.01 6.77 5.17
N GLN D 91 13.02 6.20 5.83
CA GLN D 91 12.82 5.40 7.03
C GLN D 91 13.29 6.19 8.24
N TYR D 92 12.55 6.08 9.34
CA TYR D 92 12.86 6.77 10.59
C TYR D 92 12.73 5.84 11.77
N LEU D 93 13.30 4.64 11.63
CA LEU D 93 13.23 3.66 12.72
C LEU D 93 13.98 4.12 13.96
N TYR D 94 15.06 4.87 13.78
CA TYR D 94 15.83 5.39 14.91
C TYR D 94 16.40 6.74 14.54
N TYR D 95 16.83 7.48 15.56
CA TYR D 95 17.38 8.82 15.34
C TYR D 95 18.64 8.76 14.49
N SER D 96 19.48 7.74 14.69
CA SER D 96 20.73 7.59 13.96
C SER D 96 20.59 6.72 12.71
N LEU D 97 19.42 6.13 12.48
CA LEU D 97 19.18 5.26 11.34
C LEU D 97 18.15 5.93 10.43
N VAL D 98 18.62 6.78 9.53
CA VAL D 98 17.77 7.48 8.57
C VAL D 98 18.43 7.35 7.20
N THR D 99 17.76 6.66 6.28
CA THR D 99 18.28 6.44 4.94
C THR D 99 17.17 6.69 3.93
N PHE D 100 17.45 7.53 2.94
CA PHE D 100 16.49 7.88 1.91
C PHE D 100 16.61 6.92 0.73
N GLY D 101 15.60 6.94 -0.15
CA GLY D 101 15.59 6.12 -1.34
C GLY D 101 16.36 6.75 -2.48
N GLN D 102 15.89 6.47 -3.70
CA GLN D 102 16.51 7.01 -4.91
C GLN D 102 15.72 8.15 -5.53
N GLY D 103 14.45 8.32 -5.16
CA GLY D 103 13.62 9.38 -5.68
C GLY D 103 12.72 8.90 -6.80
N THR D 104 11.64 9.67 -7.01
CA THR D 104 10.67 9.38 -8.06
C THR D 104 9.99 10.68 -8.45
N LYS D 105 10.23 11.12 -9.69
CA LYS D 105 9.67 12.37 -10.19
C LYS D 105 8.65 12.04 -11.28
N VAL D 106 7.39 12.39 -11.02
CA VAL D 106 6.33 12.15 -11.99
C VAL D 106 6.44 13.16 -13.12
N GLU D 107 6.13 12.72 -14.33
CA GLU D 107 6.24 13.56 -15.52
C GLU D 107 4.89 13.63 -16.22
N ILE D 108 4.76 14.63 -17.09
CA ILE D 108 3.55 14.82 -17.88
C ILE D 108 3.72 14.09 -19.20
N LYS D 109 2.84 13.14 -19.48
CA LYS D 109 2.91 12.38 -20.71
C LYS D 109 2.17 13.10 -21.83
N ARG D 110 2.67 12.95 -23.04
CA ARG D 110 2.08 13.57 -24.22
C ARG D 110 2.39 12.71 -25.44
N THR D 111 2.06 13.22 -26.62
CA THR D 111 2.33 12.49 -27.85
C THR D 111 3.80 12.57 -28.21
N VAL D 112 4.34 11.48 -28.74
CA VAL D 112 5.74 11.44 -29.15
C VAL D 112 5.89 12.20 -30.46
N ALA D 113 6.92 13.05 -30.53
CA ALA D 113 7.19 13.86 -31.70
C ALA D 113 8.60 13.59 -32.22
N ALA D 114 8.89 14.14 -33.38
CA ALA D 114 10.21 13.95 -34.00
C ALA D 114 11.19 14.99 -33.46
N PRO D 115 12.30 14.56 -32.87
CA PRO D 115 13.27 15.53 -32.32
C PRO D 115 14.03 16.23 -33.43
N SER D 116 14.12 17.55 -33.33
CA SER D 116 14.90 18.34 -34.26
C SER D 116 16.35 18.39 -33.78
N VAL D 117 17.28 17.96 -34.63
CA VAL D 117 18.69 17.89 -34.31
C VAL D 117 19.44 18.96 -35.08
N PHE D 118 20.22 19.77 -34.37
CA PHE D 118 21.03 20.82 -34.97
C PHE D 118 22.47 20.68 -34.51
N ILE D 119 23.39 21.17 -35.34
CA ILE D 119 24.81 21.11 -35.06
C ILE D 119 25.39 22.51 -35.14
N PHE D 120 26.30 22.83 -34.22
CA PHE D 120 26.93 24.15 -34.16
C PHE D 120 28.43 23.97 -34.03
N PRO D 121 29.22 24.42 -34.99
CA PRO D 121 30.68 24.32 -34.88
C PRO D 121 31.24 25.43 -34.02
N PRO D 122 32.48 25.31 -33.56
CA PRO D 122 33.09 26.39 -32.76
C PRO D 122 33.27 27.65 -33.59
N SER D 123 33.04 28.79 -32.96
CA SER D 123 33.18 30.08 -33.62
C SER D 123 34.65 30.47 -33.74
N ASP D 124 34.90 31.58 -34.45
CA ASP D 124 36.26 32.04 -34.65
C ASP D 124 36.88 32.51 -33.34
N SER D 125 36.11 33.25 -32.52
CA SER D 125 36.61 33.69 -31.23
C SER D 125 36.88 32.52 -30.30
N GLN D 126 36.04 31.48 -30.37
CA GLN D 126 36.26 30.31 -29.54
C GLN D 126 37.51 29.55 -29.98
N LEU D 127 37.79 29.54 -31.29
CA LEU D 127 39.05 28.95 -31.77
C LEU D 127 40.25 29.78 -31.32
N LYS D 128 40.13 31.11 -31.36
CA LYS D 128 41.22 31.96 -30.89
C LYS D 128 41.44 31.81 -29.39
N SER D 129 40.40 31.43 -28.65
CA SER D 129 40.54 31.25 -27.21
C SER D 129 41.44 30.06 -26.89
N GLY D 130 41.46 29.04 -27.74
CA GLY D 130 42.30 27.87 -27.56
C GLY D 130 41.54 26.56 -27.42
N THR D 131 40.24 26.62 -27.12
CA THR D 131 39.43 25.42 -26.93
C THR D 131 38.26 25.46 -27.89
N ALA D 132 38.09 24.40 -28.67
CA ALA D 132 37.01 24.29 -29.65
C ALA D 132 35.90 23.41 -29.11
N SER D 133 34.69 23.94 -29.07
CA SER D 133 33.54 23.21 -28.54
C SER D 133 32.47 23.08 -29.61
N VAL D 134 32.13 21.84 -29.94
CA VAL D 134 31.08 21.53 -30.90
C VAL D 134 29.81 21.22 -30.13
N VAL D 135 28.69 21.78 -30.59
CA VAL D 135 27.41 21.67 -29.88
C VAL D 135 26.44 20.87 -30.73
N CYS D 136 25.71 19.97 -30.09
CA CYS D 136 24.65 19.19 -30.73
C CYS D 136 23.37 19.42 -29.93
N LEU D 137 22.36 19.97 -30.58
CA LEU D 137 21.12 20.39 -29.94
C LEU D 137 19.98 19.47 -30.35
N LEU D 138 19.24 18.97 -29.36
CA LEU D 138 18.07 18.12 -29.57
C LEU D 138 16.87 18.85 -28.99
N ASN D 139 16.01 19.37 -29.86
CA ASN D 139 14.85 20.16 -29.45
C ASN D 139 13.57 19.39 -29.74
N ASN D 140 12.59 19.55 -28.83
CA ASN D 140 11.26 18.97 -28.98
C ASN D 140 11.32 17.44 -29.12
N PHE D 141 11.81 16.78 -28.06
CA PHE D 141 11.85 15.33 -27.99
C PHE D 141 11.17 14.85 -26.72
N TYR D 142 10.70 13.61 -26.76
CA TYR D 142 10.02 12.99 -25.63
C TYR D 142 10.02 11.49 -25.85
N PRO D 143 10.29 10.67 -24.82
CA PRO D 143 10.58 11.10 -23.44
C PRO D 143 12.02 11.57 -23.23
N ARG D 144 12.42 11.68 -21.97
CA ARG D 144 13.75 12.18 -21.64
C ARG D 144 14.84 11.21 -22.10
N GLU D 145 14.54 9.92 -22.13
CA GLU D 145 15.54 8.91 -22.50
C GLU D 145 15.92 9.06 -23.97
N ALA D 146 17.19 9.31 -24.23
CA ALA D 146 17.72 9.43 -25.58
C ALA D 146 19.22 9.13 -25.53
N LYS D 147 19.84 9.11 -26.70
CA LYS D 147 21.28 8.83 -26.78
C LYS D 147 21.89 9.65 -27.91
N VAL D 148 23.06 10.24 -27.63
CA VAL D 148 23.80 11.03 -28.59
C VAL D 148 25.22 10.47 -28.66
N GLN D 149 25.72 10.26 -29.87
CA GLN D 149 27.06 9.72 -30.09
C GLN D 149 27.85 10.67 -30.99
N TRP D 150 29.11 10.86 -30.67
CA TRP D 150 29.99 11.74 -31.43
C TRP D 150 30.86 10.92 -32.38
N LYS D 151 30.95 11.36 -33.63
CA LYS D 151 31.72 10.68 -34.66
C LYS D 151 32.65 11.69 -35.32
N VAL D 152 33.95 11.45 -35.22
CA VAL D 152 34.97 12.25 -35.87
C VAL D 152 35.69 11.37 -36.89
N ASP D 153 35.64 11.78 -38.16
CA ASP D 153 36.23 11.01 -39.26
C ASP D 153 35.73 9.58 -39.26
N ASN D 154 34.41 9.43 -39.10
CA ASN D 154 33.75 8.13 -39.05
C ASN D 154 34.26 7.25 -37.91
N ALA D 155 34.79 7.85 -36.86
CA ALA D 155 35.30 7.13 -35.69
C ALA D 155 34.53 7.58 -34.46
N LEU D 156 34.00 6.63 -33.69
CA LEU D 156 33.25 6.94 -32.49
C LEU D 156 34.16 7.55 -31.43
N GLN D 157 33.60 8.47 -30.65
CA GLN D 157 34.32 9.13 -29.57
C GLN D 157 33.75 8.71 -28.23
N SER D 158 34.65 8.40 -27.29
CA SER D 158 34.27 8.01 -25.94
C SER D 158 34.81 9.04 -24.96
N GLY D 159 33.92 9.63 -24.16
CA GLY D 159 34.31 10.64 -23.21
C GLY D 159 34.42 12.02 -23.83
N ASN D 160 34.84 12.97 -23.00
CA ASN D 160 35.03 14.38 -23.37
C ASN D 160 33.76 15.04 -23.89
N SER D 161 32.59 14.47 -23.58
CA SER D 161 31.31 15.03 -24.00
C SER D 161 30.45 15.26 -22.78
N GLN D 162 29.86 16.45 -22.69
CA GLN D 162 29.01 16.83 -21.57
C GLN D 162 27.58 17.04 -22.06
N GLU D 163 26.63 16.42 -21.37
CA GLU D 163 25.22 16.49 -21.75
C GLU D 163 24.44 17.27 -20.71
N SER D 164 23.49 18.06 -21.18
CA SER D 164 22.63 18.87 -20.31
C SER D 164 21.20 18.80 -20.83
N VAL D 165 20.27 18.39 -19.97
CA VAL D 165 18.87 18.24 -20.32
C VAL D 165 18.06 19.18 -19.45
N THR D 166 17.11 19.89 -20.07
CA THR D 166 16.26 20.83 -19.37
C THR D 166 15.03 20.12 -18.81
N GLU D 167 14.12 20.91 -18.23
CA GLU D 167 12.88 20.39 -17.68
C GLU D 167 11.74 20.59 -18.69
N GLN D 168 10.54 20.22 -18.28
CA GLN D 168 9.38 20.36 -19.15
C GLN D 168 8.94 21.82 -19.24
N ASP D 169 8.63 22.27 -20.45
CA ASP D 169 8.15 23.62 -20.66
C ASP D 169 6.70 23.75 -20.21
N SER D 170 6.29 24.98 -19.95
CA SER D 170 4.92 25.23 -19.50
C SER D 170 3.90 24.95 -20.60
N LYS D 171 4.24 25.30 -21.84
CA LYS D 171 3.31 25.09 -22.95
C LYS D 171 3.22 23.62 -23.31
N ASP D 172 4.35 23.00 -23.66
CA ASP D 172 4.39 21.59 -24.04
C ASP D 172 5.56 20.91 -23.33
N SER D 173 5.30 19.70 -22.83
CA SER D 173 6.32 18.93 -22.09
C SER D 173 7.31 18.32 -23.09
N THR D 174 8.13 19.19 -23.67
CA THR D 174 9.17 18.80 -24.62
C THR D 174 10.52 19.21 -24.06
N TYR D 175 11.35 18.22 -23.72
CA TYR D 175 12.66 18.50 -23.16
C TYR D 175 13.61 19.04 -24.23
N SER D 176 14.72 19.60 -23.77
CA SER D 176 15.77 20.11 -24.64
C SER D 176 17.10 19.55 -24.17
N LEU D 177 17.89 19.02 -25.11
CA LEU D 177 19.17 18.39 -24.79
C LEU D 177 20.28 19.13 -25.53
N SER D 178 21.42 19.29 -24.84
CA SER D 178 22.60 19.92 -25.42
C SER D 178 23.82 19.07 -25.10
N SER D 179 24.56 18.68 -26.14
CA SER D 179 25.77 17.90 -25.99
C SER D 179 26.95 18.72 -26.49
N THR D 180 27.91 18.97 -25.60
CA THR D 180 29.08 19.77 -25.90
C THR D 180 30.32 18.88 -25.90
N LEU D 181 31.06 18.90 -27.01
CA LEU D 181 32.31 18.17 -27.15
C LEU D 181 33.45 19.17 -27.23
N THR D 182 34.37 19.10 -26.28
CA THR D 182 35.46 20.05 -26.16
C THR D 182 36.78 19.39 -26.59
N LEU D 183 37.56 20.10 -27.39
CA LEU D 183 38.85 19.63 -27.85
C LEU D 183 39.78 20.82 -27.99
N SER D 184 41.02 20.55 -28.37
CA SER D 184 42.03 21.58 -28.56
C SER D 184 42.03 22.07 -30.00
N LYS D 185 42.85 23.09 -30.26
CA LYS D 185 42.94 23.65 -31.61
C LYS D 185 43.61 22.67 -32.56
N ALA D 186 44.64 21.96 -32.09
CA ALA D 186 45.32 21.01 -32.95
C ALA D 186 44.40 19.88 -33.39
N ASP D 187 43.58 19.37 -32.47
CA ASP D 187 42.63 18.32 -32.82
C ASP D 187 41.57 18.82 -33.79
N TYR D 188 41.19 20.09 -33.69
CA TYR D 188 40.19 20.64 -34.61
C TYR D 188 40.80 20.85 -35.99
N GLU D 189 42.08 21.22 -36.06
CA GLU D 189 42.70 21.48 -37.35
C GLU D 189 43.09 20.18 -38.05
N LYS D 190 43.50 19.16 -37.29
CA LYS D 190 43.91 17.90 -37.90
C LYS D 190 42.72 17.13 -38.44
N HIS D 191 41.64 17.04 -37.65
CA HIS D 191 40.45 16.32 -38.08
C HIS D 191 39.66 17.13 -39.10
N LYS D 192 39.01 16.44 -40.02
CA LYS D 192 38.33 17.09 -41.14
C LYS D 192 36.86 17.38 -40.82
N VAL D 193 36.09 16.35 -40.49
CA VAL D 193 34.66 16.49 -40.31
C VAL D 193 34.28 16.03 -38.90
N TYR D 194 33.14 16.53 -38.42
CA TYR D 194 32.56 16.13 -37.15
C TYR D 194 31.09 15.80 -37.37
N ALA D 195 30.54 15.00 -36.46
CA ALA D 195 29.12 14.68 -36.57
C ALA D 195 28.59 14.18 -35.23
N CYS D 196 27.29 14.38 -35.01
CA CYS D 196 26.59 13.80 -33.89
C CYS D 196 25.38 13.02 -34.39
N GLU D 197 25.21 11.82 -33.85
CA GLU D 197 24.14 10.91 -34.22
C GLU D 197 23.21 10.74 -33.02
N VAL D 198 21.90 10.87 -33.27
CA VAL D 198 20.89 10.83 -32.23
C VAL D 198 20.03 9.58 -32.42
N THR D 199 19.92 8.78 -31.36
CA THR D 199 19.01 7.65 -31.31
C THR D 199 18.00 7.91 -30.21
N HIS D 200 16.72 7.80 -30.54
CA HIS D 200 15.65 8.13 -29.61
C HIS D 200 14.37 7.48 -30.08
N GLN D 201 13.48 7.17 -29.13
CA GLN D 201 12.20 6.58 -29.46
C GLN D 201 11.37 7.53 -30.31
N GLY D 202 10.88 7.04 -31.45
CA GLY D 202 10.15 7.83 -32.40
C GLY D 202 10.83 7.97 -33.74
N LEU D 203 12.13 7.68 -33.82
CA LEU D 203 12.89 7.77 -35.05
C LEU D 203 13.17 6.38 -35.59
N SER D 204 12.82 6.16 -36.86
CA SER D 204 13.11 4.88 -37.50
C SER D 204 14.61 4.71 -37.68
N SER D 205 15.29 5.75 -38.13
CA SER D 205 16.74 5.74 -38.30
C SER D 205 17.37 6.82 -37.43
N PRO D 206 18.54 6.55 -36.86
CA PRO D 206 19.22 7.58 -36.04
C PRO D 206 19.55 8.81 -36.89
N VAL D 207 19.17 9.98 -36.37
CA VAL D 207 19.34 11.21 -37.13
C VAL D 207 20.76 11.73 -36.94
N THR D 208 21.46 11.91 -38.06
CA THR D 208 22.85 12.36 -38.04
C THR D 208 22.94 13.80 -38.51
N LYS D 209 23.79 14.57 -37.84
CA LYS D 209 24.08 15.95 -38.23
C LYS D 209 25.59 16.14 -38.25
N SER D 210 26.12 16.52 -39.41
CA SER D 210 27.55 16.60 -39.62
C SER D 210 27.95 18.00 -40.09
N PHE D 211 29.20 18.36 -39.80
CA PHE D 211 29.79 19.61 -40.24
C PHE D 211 31.20 19.35 -40.75
N ASN D 212 31.61 20.15 -41.73
CA ASN D 212 32.93 20.02 -42.35
C ASN D 212 33.59 21.40 -42.39
N ARG D 213 34.83 21.47 -41.95
CA ARG D 213 35.57 22.72 -41.93
C ARG D 213 36.13 23.04 -43.32
#